data_2Y3A
#
_entry.id   2Y3A
#
_cell.length_a   134.314
_cell.length_b   134.314
_cell.length_c   428.062
_cell.angle_alpha   90.00
_cell.angle_beta   90.00
_cell.angle_gamma   120.00
#
_symmetry.space_group_name_H-M   'P 65 2 2'
#
loop_
_entity.id
_entity.type
_entity.pdbx_description
1 polymer 'PHOSPHATIDYLINOSITOL-4,5-BISPHOSPHATE 3-KINASE CATALYTIC SUBUNIT BETA ISOFORM'
2 polymer 'PHOSPHATIDYLINOSITOL 3-KINASE REGULATORY SUBUNIT BETA'
3 non-polymer 2-(1H-indazol-4-yl)-6-{[4-(methylsulfonyl)piperazin-1-yl]methyl}-4-morpholin-4-yl-thieno[3,2-d]pyrimidine
#
loop_
_entity_poly.entity_id
_entity_poly.type
_entity_poly.pdbx_seq_one_letter_code
_entity_poly.pdbx_strand_id
1 'polypeptide(L)'
;MSYYHHHHHHDYDIPTTENLYFQGAMGSMPPAMADNLDIWAVDSQIASDGAISVDFLLPTGIYIQLEVPREATISYIKQM
LWKQVHNYPMFNLLMDIDSYMFACVNQTAVYEELEDETRRLCDVRPFLPVLKLVTRSCDPAEKLDSKIGVLIGKGLHEFD
ALKDPEVNEFRRKMRKFSEAKIQSLVGLSWIDWLKHTYPPEHEPSVLENLEDKLYGGKLVVAVHFENSQDVFSFQVSPNL
NPIKINELAIQKRLTIRGKEDEASPCDYVLQVSGRVEYVFGDHPLIQFQYIRNCVMNRTLPHFILVECCKIKKMYEQEMI
AIEAAINRNSSNLPLPLPPKKTRVISHIWDNNNPFQITLVKGNKLNTEETVKVHVRAGLFHGTELLCKTVVSSEISGKND
HIWNEQLEFDINICDLPRMARLCFAVYAVLDKVKTKKSTKTINPSKYQTIRKAGKVHYPVAWVNTMVFDFKGQLRSGDVI
LHSWSSFPDELEEMLNPMGTVQTNPYAENATALHITFPENKKQPCYYPPFDKIIEKAAELASGDSANVSSRGGKKFLAVL
KEILDRDPLSQLCENEMDLIWTLRQDCRENFPQSLPKLLLSIKWNKLEDVAQLQALLQIWPKLPPREALELLDFNYPDQY
VREYAVGCLRQMSDEELSQYLLQLVQVLKYEPFLDCALSRFLLERALDNRRIGQFLFWHLRSEVHTPAVSVQFGVILEAY
CRGSVGHMKVLSKQVEALNKLKTLNSLIKLNAVKLSRAKGKEAMHTCLKQSAYREALSDLQSPLNPCVILSELYVEKCKY
MDSKMKPLWLVYSSRAFGEDSVGVIFKNGDDLRQDMLTLQMLRLMDLLWKEAGLDLRMLPYGCLATGDRSGLIEVVSTSE
TIADIQLNSSNVAATAAFNKDALLNWLKEYNSGDDLDRAIEEFTLSCAGYCVASYVLGIGDRHSDNIMVKKTGQLFHIDF
GHILGNFKSKFGIKRERVPFILTYDFIHVIQQGKTGNTEKFGRFRQCCEDAYLILRRHGNLFITLFALMLTAGLPELTSV
KDIQYLKDSLALGKSEEEALKQFKQKFDEALRESWTTKVNWMAHTVRKDYRS
;
A
2 'polypeptide(L)'
;MSQQDQVVKEDSVEAVGAQLKVYHQQYQDKSREYDQLYEEYTRTSQELQMKRTAIEAFNETIKIFEEQGQTQEKCSKEYL
ERFRREGNEKEMQRILLNSERLKSRIAEIHESRTKLEQDLRAQASDNREIDKRMNSLKPDLMQLRKIRDQYLVWLTQKGA
RQRKINEWLGIKNETEDQYSLMEDEDALPHHEERTWYVGKINRTQAEEMLSGKRDGTFLIRESSQRGCYACSVVVDGDTK
HCVIYRTATGFGFAEPYNLYGSLKELVLHYQHASLVQHNDALTVTLAHPVRAPGPGPPSAAR
;
B
#
loop_
_chem_comp.id
_chem_comp.type
_chem_comp.name
_chem_comp.formula
GD9 non-polymer 2-(1H-indazol-4-yl)-6-{[4-(methylsulfonyl)piperazin-1-yl]methyl}-4-morpholin-4-yl-thieno[3,2-d]pyrimidine 'C23 H27 N7 O3 S2'
#
# COMPACT_ATOMS: atom_id res chain seq x y z
N ALA A 41 -12.07 24.96 -12.68
CA ALA A 41 -12.81 25.25 -13.91
C ALA A 41 -13.26 23.97 -14.63
N VAL A 42 -12.60 22.84 -14.32
CA VAL A 42 -12.90 21.53 -14.88
C VAL A 42 -14.06 20.87 -14.14
N ASP A 43 -14.44 21.45 -12.99
CA ASP A 43 -15.52 21.00 -12.12
C ASP A 43 -15.90 22.12 -11.16
N SER A 44 -17.19 22.22 -10.80
CA SER A 44 -17.72 23.22 -9.87
C SER A 44 -17.56 22.74 -8.44
N GLN A 45 -16.49 23.23 -7.75
CA GLN A 45 -16.11 22.89 -6.36
C GLN A 45 -15.30 24.03 -5.68
N ILE A 46 -14.91 25.06 -6.46
CA ILE A 46 -14.14 26.22 -5.99
C ILE A 46 -15.07 27.34 -5.43
N ALA A 47 -14.52 28.21 -4.54
CA ALA A 47 -15.17 29.34 -3.86
C ALA A 47 -16.21 30.12 -4.68
N SER A 48 -17.49 29.68 -4.58
CA SER A 48 -18.66 30.26 -5.25
C SER A 48 -19.94 30.02 -4.43
N ASP A 49 -20.76 31.08 -4.26
CA ASP A 49 -22.02 31.01 -3.54
C ASP A 49 -23.20 31.69 -4.26
N GLY A 50 -24.28 30.91 -4.44
CA GLY A 50 -25.53 31.29 -5.09
C GLY A 50 -26.24 30.13 -5.78
N ALA A 51 -27.08 30.46 -6.78
CA ALA A 51 -27.87 29.51 -7.57
C ALA A 51 -27.19 29.14 -8.92
N ILE A 52 -27.57 27.97 -9.49
CA ILE A 52 -27.02 27.47 -10.74
C ILE A 52 -28.07 27.13 -11.81
N SER A 53 -27.76 27.47 -13.08
CA SER A 53 -28.59 27.27 -14.27
C SER A 53 -28.45 25.84 -14.81
N VAL A 54 -29.42 25.01 -14.47
CA VAL A 54 -29.43 23.59 -14.83
C VAL A 54 -30.49 23.28 -15.89
N ASP A 55 -30.20 22.30 -16.72
CA ASP A 55 -31.02 21.82 -17.82
C ASP A 55 -31.83 20.63 -17.32
N PHE A 56 -33.12 20.58 -17.66
CA PHE A 56 -33.97 19.50 -17.21
C PHE A 56 -34.55 18.84 -18.42
N LEU A 57 -34.01 17.67 -18.72
CA LEU A 57 -34.41 16.88 -19.87
C LEU A 57 -35.58 15.91 -19.53
N LEU A 58 -36.84 16.30 -19.86
CA LEU A 58 -38.06 15.53 -19.54
C LEU A 58 -38.28 14.27 -20.38
N PRO A 59 -39.18 13.33 -20.01
CA PRO A 59 -39.36 12.10 -20.82
C PRO A 59 -40.01 12.38 -22.18
N THR A 60 -40.65 13.56 -22.30
CA THR A 60 -41.34 14.04 -23.47
C THR A 60 -40.48 15.01 -24.31
N GLY A 61 -39.17 14.98 -24.02
CA GLY A 61 -38.16 15.83 -24.66
C GLY A 61 -38.26 17.31 -24.31
N ILE A 62 -39.04 17.64 -23.26
CA ILE A 62 -39.20 19.04 -22.87
C ILE A 62 -37.95 19.52 -22.18
N TYR A 63 -37.22 20.41 -22.86
CA TYR A 63 -36.04 21.05 -22.32
C TYR A 63 -36.47 22.28 -21.47
N ILE A 64 -35.94 22.41 -20.25
CA ILE A 64 -36.27 23.50 -19.34
C ILE A 64 -35.01 23.90 -18.61
N GLN A 65 -34.65 25.17 -18.67
CA GLN A 65 -33.50 25.66 -17.92
C GLN A 65 -34.06 26.44 -16.74
N LEU A 66 -33.49 26.22 -15.53
CA LEU A 66 -33.87 26.90 -14.28
C LEU A 66 -32.69 27.13 -13.42
N GLU A 67 -32.64 28.32 -12.78
CA GLU A 67 -31.61 28.69 -11.79
C GLU A 67 -32.08 28.09 -10.46
N VAL A 68 -31.26 27.19 -9.93
CA VAL A 68 -31.54 26.40 -8.75
C VAL A 68 -30.37 26.58 -7.79
N PRO A 69 -30.59 26.76 -6.45
CA PRO A 69 -29.46 26.90 -5.52
C PRO A 69 -28.47 25.74 -5.56
N ARG A 70 -27.15 26.06 -5.51
CA ARG A 70 -26.05 25.10 -5.58
C ARG A 70 -26.15 23.94 -4.54
N GLU A 71 -26.27 24.29 -3.24
CA GLU A 71 -26.40 23.31 -2.14
C GLU A 71 -27.85 22.88 -1.81
N ALA A 72 -28.69 22.75 -2.87
CA ALA A 72 -30.09 22.36 -2.70
C ALA A 72 -30.27 20.85 -2.69
N THR A 73 -31.23 20.35 -1.91
CA THR A 73 -31.57 18.92 -1.84
C THR A 73 -32.09 18.52 -3.23
N ILE A 74 -31.65 17.35 -3.77
CA ILE A 74 -32.15 16.89 -5.06
C ILE A 74 -33.68 16.73 -5.15
N SER A 75 -34.36 16.55 -3.99
CA SER A 75 -35.82 16.45 -3.92
C SER A 75 -36.43 17.84 -4.07
N TYR A 76 -35.77 18.86 -3.45
CA TYR A 76 -36.13 20.28 -3.48
C TYR A 76 -36.09 20.81 -4.93
N ILE A 77 -35.09 20.34 -5.69
CA ILE A 77 -34.95 20.64 -7.10
C ILE A 77 -36.04 19.92 -7.88
N LYS A 78 -36.25 18.59 -7.63
CA LYS A 78 -37.31 17.84 -8.30
C LYS A 78 -38.68 18.54 -8.13
N GLN A 79 -38.92 19.08 -6.92
CA GLN A 79 -40.13 19.78 -6.56
C GLN A 79 -40.18 21.15 -7.27
N MET A 80 -39.03 21.85 -7.26
CA MET A 80 -38.84 23.15 -7.91
C MET A 80 -39.20 23.05 -9.40
N LEU A 81 -38.52 22.17 -10.17
CA LEU A 81 -38.80 21.94 -11.59
C LEU A 81 -40.30 21.76 -11.81
N TRP A 82 -40.91 20.87 -10.98
CA TRP A 82 -42.31 20.50 -11.06
C TRP A 82 -43.24 21.64 -11.03
N LYS A 83 -42.84 22.73 -10.32
CA LYS A 83 -43.64 23.95 -10.26
C LYS A 83 -43.81 24.48 -11.72
N GLN A 84 -42.71 24.73 -12.40
CA GLN A 84 -42.76 25.23 -13.76
C GLN A 84 -43.14 24.23 -14.88
N VAL A 85 -43.17 22.91 -14.62
CA VAL A 85 -43.51 21.91 -15.66
C VAL A 85 -44.64 22.28 -16.63
N HIS A 86 -45.67 22.99 -16.11
CA HIS A 86 -46.88 23.36 -16.83
C HIS A 86 -46.76 24.59 -17.73
N ASN A 87 -45.88 25.52 -17.38
CA ASN A 87 -45.67 26.71 -18.21
C ASN A 87 -44.96 26.32 -19.52
N TYR A 88 -44.72 25.00 -19.70
CA TYR A 88 -44.06 24.38 -20.85
C TYR A 88 -44.99 23.41 -21.50
N PRO A 89 -44.98 23.26 -22.85
CA PRO A 89 -45.93 22.30 -23.50
C PRO A 89 -45.77 20.85 -23.08
N MET A 90 -46.79 20.01 -23.34
CA MET A 90 -46.83 18.56 -23.03
C MET A 90 -47.01 18.14 -21.53
N PHE A 91 -47.19 19.13 -20.62
CA PHE A 91 -47.42 19.09 -19.16
C PHE A 91 -48.32 17.94 -18.66
N ASN A 92 -49.04 17.27 -19.57
CA ASN A 92 -49.99 16.21 -19.23
C ASN A 92 -49.52 14.78 -19.49
N LEU A 93 -48.51 14.57 -20.33
CA LEU A 93 -47.98 13.23 -20.59
C LEU A 93 -47.05 12.76 -19.46
N LEU A 94 -46.85 13.65 -18.44
CA LEU A 94 -46.05 13.40 -17.25
C LEU A 94 -46.90 12.74 -16.18
N MET A 95 -46.29 11.92 -15.32
CA MET A 95 -46.93 11.31 -14.18
C MET A 95 -46.62 12.21 -12.97
N ASP A 96 -46.89 11.79 -11.73
CA ASP A 96 -46.59 12.66 -10.59
C ASP A 96 -45.09 12.65 -10.31
N ILE A 97 -44.61 13.61 -9.50
CA ILE A 97 -43.20 13.71 -9.12
C ILE A 97 -42.64 12.32 -8.73
N ASP A 98 -43.30 11.67 -7.75
CA ASP A 98 -42.93 10.41 -7.12
C ASP A 98 -42.91 9.13 -7.97
N SER A 99 -43.00 9.29 -9.27
CA SER A 99 -42.91 8.16 -10.19
C SER A 99 -41.65 8.35 -11.03
N TYR A 100 -41.03 9.55 -10.91
CA TYR A 100 -39.83 10.01 -11.60
C TYR A 100 -38.62 10.31 -10.70
N MET A 101 -37.39 10.10 -11.21
CA MET A 101 -36.13 10.42 -10.52
C MET A 101 -35.07 10.93 -11.51
N PHE A 102 -34.23 11.89 -11.07
CA PHE A 102 -33.17 12.46 -11.90
C PHE A 102 -32.06 11.49 -12.17
N ALA A 103 -31.30 11.72 -13.24
CA ALA A 103 -30.15 10.93 -13.65
C ALA A 103 -29.19 11.93 -14.21
N CYS A 104 -27.87 11.67 -14.09
CA CYS A 104 -26.85 12.59 -14.58
C CYS A 104 -25.58 11.88 -14.99
N VAL A 105 -24.62 12.67 -15.49
CA VAL A 105 -23.28 12.22 -15.87
C VAL A 105 -22.28 12.69 -14.78
N ASN A 106 -21.59 11.74 -14.13
CA ASN A 106 -20.66 12.15 -13.07
C ASN A 106 -19.35 12.78 -13.53
N GLN A 107 -18.55 13.32 -12.59
CA GLN A 107 -17.26 13.93 -12.88
C GLN A 107 -16.34 12.90 -13.59
N THR A 108 -16.76 11.63 -13.49
CA THR A 108 -16.29 10.42 -14.12
C THR A 108 -17.53 10.09 -15.00
N ALA A 109 -17.35 10.13 -16.34
CA ALA A 109 -18.33 9.90 -17.42
C ALA A 109 -19.57 8.96 -17.14
N VAL A 110 -19.71 8.46 -15.91
CA VAL A 110 -20.75 7.54 -15.44
C VAL A 110 -22.17 8.17 -15.32
N TYR A 111 -23.18 7.48 -15.88
CA TYR A 111 -24.58 7.87 -15.82
C TYR A 111 -25.15 7.46 -14.45
N GLU A 112 -25.20 8.45 -13.54
CA GLU A 112 -25.61 8.38 -12.13
C GLU A 112 -27.13 8.54 -11.88
N GLU A 113 -27.86 7.42 -11.69
CA GLU A 113 -29.31 7.45 -11.39
C GLU A 113 -29.43 7.79 -9.91
N LEU A 114 -29.98 8.95 -9.60
CA LEU A 114 -30.05 9.44 -8.22
C LEU A 114 -31.36 9.06 -7.53
N GLU A 115 -31.37 7.88 -6.87
CA GLU A 115 -32.53 7.38 -6.14
C GLU A 115 -32.66 8.20 -4.86
N ASP A 116 -31.53 8.39 -4.13
CA ASP A 116 -31.52 9.16 -2.89
C ASP A 116 -31.78 10.64 -3.10
N GLU A 117 -33.07 11.00 -3.12
CA GLU A 117 -33.54 12.37 -3.32
C GLU A 117 -33.06 13.39 -2.21
N THR A 118 -32.30 12.91 -1.19
CA THR A 118 -31.80 13.71 -0.06
C THR A 118 -30.39 14.29 -0.23
N ARG A 119 -29.69 13.86 -1.29
CA ARG A 119 -28.34 14.33 -1.59
C ARG A 119 -28.33 15.76 -2.16
N ARG A 120 -27.36 16.64 -1.74
CA ARG A 120 -27.23 18.00 -2.28
C ARG A 120 -26.78 17.92 -3.72
N LEU A 121 -27.14 18.92 -4.52
CA LEU A 121 -26.77 18.93 -5.94
C LEU A 121 -25.26 18.82 -6.03
N CYS A 122 -24.55 19.73 -5.35
CA CYS A 122 -23.08 19.76 -5.28
C CYS A 122 -22.47 18.49 -4.67
N ASP A 123 -23.20 17.79 -3.77
CA ASP A 123 -22.76 16.53 -3.13
C ASP A 123 -22.78 15.37 -4.10
N VAL A 124 -23.31 15.62 -5.30
CA VAL A 124 -23.38 14.67 -6.38
C VAL A 124 -23.06 15.44 -7.67
N ARG A 125 -21.94 16.20 -7.60
CA ARG A 125 -21.36 17.08 -8.63
C ARG A 125 -21.51 16.52 -10.03
N PRO A 126 -22.55 16.91 -10.83
CA PRO A 126 -22.63 16.40 -12.21
C PRO A 126 -21.66 17.24 -13.05
N PHE A 127 -20.91 16.56 -13.95
CA PHE A 127 -19.92 17.20 -14.80
C PHE A 127 -20.52 18.42 -15.50
N LEU A 128 -21.71 18.27 -16.11
CA LEU A 128 -22.42 19.38 -16.73
C LEU A 128 -23.73 19.60 -16.00
N PRO A 129 -24.20 20.86 -15.82
CA PRO A 129 -25.45 21.09 -15.04
C PRO A 129 -26.68 20.19 -15.31
N VAL A 130 -26.80 19.63 -16.51
CA VAL A 130 -27.90 18.77 -16.98
C VAL A 130 -28.33 17.52 -16.13
N LEU A 131 -29.66 17.38 -15.94
CA LEU A 131 -30.36 16.31 -15.23
C LEU A 131 -31.53 15.80 -16.05
N LYS A 132 -31.44 14.55 -16.46
CA LYS A 132 -32.46 13.85 -17.23
C LYS A 132 -33.43 13.25 -16.23
N LEU A 133 -34.65 13.79 -16.17
CA LEU A 133 -35.73 13.26 -15.36
C LEU A 133 -36.22 11.96 -16.08
N VAL A 134 -36.06 10.85 -15.37
CA VAL A 134 -36.37 9.50 -15.81
C VAL A 134 -37.43 8.97 -14.87
N THR A 135 -38.12 7.87 -15.23
CA THR A 135 -39.09 7.22 -14.36
C THR A 135 -38.35 6.47 -13.26
N ARG A 136 -38.83 6.59 -12.01
CA ARG A 136 -38.29 5.91 -10.83
C ARG A 136 -38.22 4.40 -11.08
N SER A 137 -39.31 3.82 -11.63
CA SER A 137 -39.36 2.40 -11.95
C SER A 137 -38.69 2.05 -13.31
N CYS A 138 -37.40 2.43 -13.43
CA CYS A 138 -36.56 2.10 -14.59
C CYS A 138 -35.82 0.85 -14.12
N ASP A 139 -36.53 -0.29 -14.16
CA ASP A 139 -36.06 -1.58 -13.65
C ASP A 139 -35.18 -2.52 -14.57
N PRO A 140 -34.70 -2.11 -15.79
CA PRO A 140 -33.96 -3.06 -16.65
C PRO A 140 -32.71 -3.78 -16.15
N ALA A 141 -32.35 -3.71 -14.83
CA ALA A 141 -31.13 -4.28 -14.25
C ALA A 141 -29.89 -3.76 -15.02
N GLU A 142 -29.95 -2.47 -15.37
CA GLU A 142 -28.97 -1.59 -16.02
C GLU A 142 -28.92 -0.38 -15.09
N LYS A 143 -29.80 -0.42 -14.06
CA LYS A 143 -29.91 0.45 -12.91
C LYS A 143 -28.85 -0.12 -11.94
N LEU A 144 -28.62 -1.45 -12.05
CA LEU A 144 -27.60 -2.22 -11.35
C LEU A 144 -26.26 -1.87 -11.97
N ASP A 145 -26.24 -1.88 -13.31
CA ASP A 145 -25.03 -1.58 -14.05
C ASP A 145 -24.61 -0.14 -13.90
N SER A 146 -25.56 0.72 -13.48
CA SER A 146 -25.33 2.12 -13.14
C SER A 146 -24.59 2.05 -11.80
N LYS A 147 -25.31 1.60 -10.73
CA LYS A 147 -24.91 1.39 -9.33
C LYS A 147 -23.45 0.90 -9.19
N ILE A 148 -23.05 0.00 -10.14
CA ILE A 148 -21.75 -0.61 -10.21
C ILE A 148 -20.69 0.39 -10.73
N GLY A 149 -20.87 0.87 -11.96
CA GLY A 149 -19.99 1.85 -12.61
C GLY A 149 -19.64 3.04 -11.75
N VAL A 150 -20.68 3.51 -11.00
CA VAL A 150 -20.69 4.58 -10.01
C VAL A 150 -19.69 4.21 -8.93
N LEU A 151 -19.90 3.04 -8.24
CA LEU A 151 -19.01 2.55 -7.16
C LEU A 151 -17.56 2.53 -7.61
N ILE A 152 -17.29 1.84 -8.74
CA ILE A 152 -15.96 1.66 -9.34
C ILE A 152 -15.23 2.91 -9.84
N GLY A 153 -15.91 3.74 -10.63
CA GLY A 153 -15.32 4.95 -11.21
C GLY A 153 -14.88 4.72 -12.64
N LYS A 154 -15.64 3.89 -13.30
CA LYS A 154 -15.44 3.51 -14.68
C LYS A 154 -16.83 3.01 -15.11
N GLY A 155 -17.34 3.58 -16.18
CA GLY A 155 -18.62 3.16 -16.73
C GLY A 155 -18.44 1.89 -17.52
N LEU A 156 -19.27 0.88 -17.21
CA LEU A 156 -19.28 -0.45 -17.83
C LEU A 156 -19.20 -0.48 -19.39
N HIS A 157 -19.79 0.53 -20.06
CA HIS A 157 -19.77 0.69 -21.52
C HIS A 157 -18.32 0.73 -22.04
N GLU A 158 -17.40 1.32 -21.24
CA GLU A 158 -15.99 1.46 -21.58
C GLU A 158 -15.36 0.13 -21.95
N PHE A 159 -15.85 -1.00 -21.37
CA PHE A 159 -15.37 -2.36 -21.65
C PHE A 159 -15.87 -2.86 -23.00
N ASP A 160 -17.07 -2.36 -23.38
CA ASP A 160 -17.70 -2.67 -24.66
C ASP A 160 -17.02 -1.79 -25.71
N ALA A 161 -16.66 -0.55 -25.33
CA ALA A 161 -15.97 0.46 -26.16
C ALA A 161 -14.56 0.05 -26.57
N LEU A 162 -14.00 -0.97 -25.90
CA LEU A 162 -12.68 -1.52 -26.21
C LEU A 162 -12.83 -2.54 -27.34
N LYS A 163 -14.04 -3.18 -27.42
CA LYS A 163 -14.46 -4.20 -28.40
C LYS A 163 -13.53 -5.42 -28.57
N ASP A 164 -12.36 -5.37 -27.94
CA ASP A 164 -11.33 -6.39 -27.88
C ASP A 164 -11.97 -7.65 -27.21
N PRO A 165 -11.84 -8.85 -27.83
CA PRO A 165 -12.53 -10.06 -27.31
C PRO A 165 -12.50 -10.41 -25.81
N GLU A 166 -11.32 -10.78 -25.29
CA GLU A 166 -11.02 -11.17 -23.90
C GLU A 166 -11.76 -10.41 -22.79
N VAL A 167 -11.80 -9.05 -22.88
CA VAL A 167 -12.45 -8.17 -21.89
C VAL A 167 -13.88 -8.67 -21.79
N ASN A 168 -14.58 -8.72 -22.92
CA ASN A 168 -15.96 -9.21 -22.98
C ASN A 168 -16.02 -10.71 -22.66
N GLU A 169 -15.08 -11.51 -23.20
CA GLU A 169 -15.02 -12.96 -22.96
C GLU A 169 -14.92 -13.27 -21.49
N PHE A 170 -14.18 -12.44 -20.74
CA PHE A 170 -14.00 -12.66 -19.32
C PHE A 170 -14.98 -11.96 -18.38
N ARG A 171 -15.56 -10.78 -18.78
CA ARG A 171 -16.58 -10.05 -18.01
C ARG A 171 -17.78 -10.96 -17.86
N ARG A 172 -18.06 -11.69 -18.98
CA ARG A 172 -19.12 -12.66 -19.19
C ARG A 172 -18.84 -13.97 -18.51
N LYS A 173 -17.53 -14.35 -18.42
CA LYS A 173 -17.08 -15.56 -17.74
C LYS A 173 -17.31 -15.41 -16.22
N MET A 174 -16.80 -14.29 -15.65
CA MET A 174 -16.93 -13.92 -14.23
C MET A 174 -18.38 -13.73 -13.82
N ARG A 175 -19.18 -12.99 -14.63
CA ARG A 175 -20.60 -12.74 -14.39
C ARG A 175 -21.34 -14.05 -14.13
N LYS A 176 -20.94 -15.13 -14.83
CA LYS A 176 -21.55 -16.45 -14.63
C LYS A 176 -21.27 -16.92 -13.20
N PHE A 177 -19.98 -16.85 -12.81
CA PHE A 177 -19.52 -17.24 -11.48
C PHE A 177 -19.98 -16.32 -10.35
N SER A 178 -19.94 -14.98 -10.57
CA SER A 178 -20.39 -13.96 -9.61
C SER A 178 -21.82 -14.23 -9.21
N GLU A 179 -22.67 -14.54 -10.20
CA GLU A 179 -24.09 -14.85 -10.04
C GLU A 179 -24.35 -16.25 -9.44
N ALA A 180 -23.31 -17.12 -9.44
CA ALA A 180 -23.40 -18.45 -8.83
C ALA A 180 -23.29 -18.30 -7.31
N LYS A 181 -22.42 -17.37 -6.85
CA LYS A 181 -22.22 -17.04 -5.44
C LYS A 181 -23.52 -16.42 -4.89
N ILE A 182 -24.10 -15.43 -5.63
CA ILE A 182 -25.37 -14.76 -5.28
C ILE A 182 -26.48 -15.83 -5.06
N GLN A 183 -26.44 -16.89 -5.89
CA GLN A 183 -27.34 -18.04 -5.86
C GLN A 183 -27.00 -18.95 -4.70
N SER A 184 -25.68 -19.07 -4.37
CA SER A 184 -25.24 -19.88 -3.22
C SER A 184 -25.85 -19.29 -1.95
N LEU A 185 -25.83 -17.96 -1.87
CA LEU A 185 -26.37 -17.17 -0.77
C LEU A 185 -27.89 -17.29 -0.52
N VAL A 186 -28.69 -17.66 -1.55
CA VAL A 186 -30.16 -17.73 -1.43
C VAL A 186 -30.77 -18.88 -0.65
N GLY A 187 -30.21 -20.08 -0.82
CA GLY A 187 -30.72 -21.28 -0.13
C GLY A 187 -30.56 -21.18 1.38
N LEU A 188 -29.29 -20.95 1.81
CA LEU A 188 -28.74 -20.84 3.18
C LEU A 188 -29.68 -20.40 4.29
N SER A 189 -29.67 -21.15 5.40
CA SER A 189 -30.46 -20.78 6.57
C SER A 189 -29.58 -19.88 7.46
N TRP A 190 -30.20 -19.25 8.48
CA TRP A 190 -29.60 -18.40 9.52
C TRP A 190 -28.34 -19.05 10.05
N ILE A 191 -27.34 -18.24 10.45
CA ILE A 191 -26.07 -18.74 10.99
C ILE A 191 -25.15 -19.31 9.91
N ASP A 192 -25.70 -20.09 8.95
CA ASP A 192 -24.94 -20.65 7.82
C ASP A 192 -24.55 -19.51 6.87
N TRP A 193 -25.42 -18.46 6.80
CA TRP A 193 -25.22 -17.24 6.01
C TRP A 193 -24.06 -16.48 6.61
N LEU A 194 -24.03 -16.34 7.96
CA LEU A 194 -22.97 -15.65 8.68
C LEU A 194 -21.62 -16.24 8.36
N LYS A 195 -21.55 -17.59 8.30
CA LYS A 195 -20.36 -18.37 7.93
C LYS A 195 -19.86 -18.03 6.51
N HIS A 196 -20.74 -17.45 5.66
CA HIS A 196 -20.48 -17.06 4.26
C HIS A 196 -20.18 -15.58 4.13
N THR A 197 -20.79 -14.77 5.01
CA THR A 197 -20.63 -13.31 5.04
C THR A 197 -19.52 -12.83 6.00
N TYR A 198 -19.65 -13.13 7.29
CA TYR A 198 -18.64 -12.71 8.26
C TYR A 198 -18.22 -13.95 9.06
N PRO A 199 -17.32 -14.80 8.51
CA PRO A 199 -16.93 -16.03 9.23
C PRO A 199 -15.98 -15.78 10.40
N PRO A 200 -16.20 -16.41 11.60
CA PRO A 200 -15.28 -16.19 12.74
C PRO A 200 -13.84 -16.64 12.47
N GLU A 201 -12.87 -16.02 13.17
CA GLU A 201 -11.45 -16.31 12.98
C GLU A 201 -10.93 -17.41 13.91
N HIS A 202 -10.30 -18.45 13.33
CA HIS A 202 -9.70 -19.57 14.07
C HIS A 202 -8.18 -19.53 13.98
N GLU A 203 -7.52 -19.86 15.11
CA GLU A 203 -6.07 -19.86 15.25
C GLU A 203 -5.61 -20.98 16.19
N PRO A 204 -5.50 -22.26 15.73
CA PRO A 204 -5.04 -23.32 16.64
C PRO A 204 -3.57 -23.24 17.07
N SER A 205 -3.24 -23.84 18.24
CA SER A 205 -1.91 -24.00 18.85
C SER A 205 -0.96 -22.78 19.01
N VAL A 206 -1.47 -21.54 18.84
CA VAL A 206 -0.67 -20.31 19.01
C VAL A 206 -0.31 -20.11 20.52
N LEU A 207 -1.15 -20.68 21.42
CA LEU A 207 -1.02 -20.69 22.87
C LEU A 207 0.03 -21.66 23.40
N GLU A 208 0.45 -22.64 22.57
CA GLU A 208 1.47 -23.65 22.93
C GLU A 208 2.91 -23.05 23.02
N ASN A 209 2.99 -21.72 22.78
CA ASN A 209 4.19 -20.89 22.88
C ASN A 209 4.05 -20.12 24.21
N LEU A 210 2.99 -19.27 24.30
CA LEU A 210 2.66 -18.41 25.45
C LEU A 210 1.41 -18.95 26.15
N GLU A 211 1.50 -19.25 27.46
CA GLU A 211 0.37 -19.82 28.20
C GLU A 211 -0.16 -18.95 29.35
N ASP A 212 -1.47 -19.11 29.62
CA ASP A 212 -2.28 -18.51 30.69
C ASP A 212 -1.97 -17.11 31.22
N LYS A 213 -2.41 -16.09 30.47
CA LYS A 213 -2.30 -14.70 30.92
C LYS A 213 -3.66 -14.40 31.56
N LEU A 214 -4.23 -15.44 32.23
CA LEU A 214 -5.53 -15.47 32.91
C LEU A 214 -5.33 -15.88 34.36
N TYR A 215 -6.23 -15.45 35.27
CA TYR A 215 -6.14 -15.84 36.68
C TYR A 215 -6.70 -17.25 36.78
N GLY A 216 -5.78 -18.21 36.78
CA GLY A 216 -6.09 -19.62 36.72
C GLY A 216 -6.41 -19.93 35.27
N GLY A 217 -7.12 -21.01 35.03
CA GLY A 217 -7.54 -21.37 33.68
C GLY A 217 -8.52 -20.34 33.17
N LYS A 218 -9.49 -20.00 34.06
CA LYS A 218 -10.61 -19.06 33.90
C LYS A 218 -10.33 -17.75 33.14
N LEU A 219 -11.12 -17.56 32.06
CA LEU A 219 -11.15 -16.41 31.17
C LEU A 219 -12.27 -15.49 31.65
N VAL A 220 -12.07 -14.17 31.56
CA VAL A 220 -13.11 -13.24 31.98
C VAL A 220 -13.78 -12.57 30.78
N VAL A 221 -14.99 -13.02 30.47
CA VAL A 221 -15.77 -12.57 29.32
C VAL A 221 -17.00 -11.78 29.74
N ALA A 222 -17.34 -10.71 28.98
CA ALA A 222 -18.49 -9.84 29.24
C ALA A 222 -19.59 -9.98 28.18
N VAL A 223 -20.85 -10.20 28.61
CA VAL A 223 -22.03 -10.31 27.73
C VAL A 223 -23.24 -9.56 28.23
N HIS A 224 -24.00 -9.02 27.30
CA HIS A 224 -25.27 -8.38 27.60
C HIS A 224 -26.18 -8.61 26.43
N PHE A 225 -27.48 -8.51 26.66
CA PHE A 225 -28.43 -8.74 25.59
C PHE A 225 -28.61 -7.54 24.66
N GLU A 226 -29.26 -7.75 23.48
CA GLU A 226 -29.41 -6.74 22.43
C GLU A 226 -29.49 -5.26 22.84
N ASN A 227 -30.68 -4.79 23.26
CA ASN A 227 -30.85 -3.39 23.67
C ASN A 227 -30.91 -3.23 25.20
N SER A 228 -30.34 -4.24 25.90
CA SER A 228 -30.20 -4.32 27.35
C SER A 228 -29.21 -3.26 27.85
N GLN A 229 -29.42 -2.77 29.07
CA GLN A 229 -28.56 -1.78 29.71
C GLN A 229 -27.65 -2.46 30.76
N ASP A 230 -27.99 -3.71 31.20
CA ASP A 230 -27.19 -4.47 32.18
C ASP A 230 -26.31 -5.60 31.63
N VAL A 231 -24.99 -5.50 31.92
CA VAL A 231 -23.99 -6.46 31.50
C VAL A 231 -23.81 -7.55 32.57
N PHE A 232 -23.24 -8.70 32.20
CA PHE A 232 -23.03 -9.84 33.08
C PHE A 232 -21.60 -10.34 32.87
N SER A 233 -20.95 -10.83 33.93
CA SER A 233 -19.56 -11.30 33.82
C SER A 233 -19.41 -12.77 34.11
N PHE A 234 -18.51 -13.40 33.35
CA PHE A 234 -18.32 -14.83 33.48
C PHE A 234 -16.88 -15.23 33.47
N GLN A 235 -16.60 -16.17 34.35
CA GLN A 235 -15.36 -16.85 34.67
C GLN A 235 -15.50 -18.12 33.83
N VAL A 236 -14.69 -18.26 32.78
CA VAL A 236 -14.85 -19.40 31.87
C VAL A 236 -13.56 -20.11 31.47
N SER A 237 -13.63 -21.44 31.23
CA SER A 237 -12.50 -22.20 30.71
C SER A 237 -12.22 -21.72 29.27
N PRO A 238 -10.96 -21.46 28.89
CA PRO A 238 -10.69 -20.98 27.53
C PRO A 238 -10.86 -22.08 26.48
N ASN A 239 -10.96 -23.33 26.93
CA ASN A 239 -11.08 -24.51 26.09
C ASN A 239 -12.52 -24.89 25.72
N LEU A 240 -13.52 -24.21 26.29
CA LEU A 240 -14.95 -24.46 26.00
C LEU A 240 -15.39 -23.90 24.64
N ASN A 241 -16.59 -24.33 24.17
CA ASN A 241 -17.17 -23.85 22.90
C ASN A 241 -18.04 -22.61 23.16
N PRO A 242 -18.08 -21.59 22.26
CA PRO A 242 -18.87 -20.37 22.55
C PRO A 242 -20.27 -20.55 23.14
N ILE A 243 -20.92 -21.69 22.82
CA ILE A 243 -22.25 -22.09 23.27
C ILE A 243 -22.45 -22.04 24.79
N LYS A 244 -21.35 -22.22 25.55
CA LYS A 244 -21.37 -22.21 27.01
C LYS A 244 -21.67 -20.81 27.53
N ILE A 245 -21.16 -19.78 26.82
CA ILE A 245 -21.41 -18.38 27.15
C ILE A 245 -22.91 -18.08 26.95
N ASN A 246 -23.53 -18.65 25.89
CA ASN A 246 -24.97 -18.52 25.58
C ASN A 246 -25.78 -19.22 26.67
N GLU A 247 -25.31 -20.41 27.12
CA GLU A 247 -25.95 -21.18 28.20
C GLU A 247 -25.89 -20.34 29.48
N LEU A 248 -24.74 -19.68 29.73
CA LEU A 248 -24.54 -18.83 30.88
C LEU A 248 -25.35 -17.57 30.75
N ALA A 249 -25.50 -17.08 29.51
CA ALA A 249 -26.23 -15.86 29.19
C ALA A 249 -27.71 -15.98 29.49
N ILE A 250 -28.31 -17.15 29.17
CA ILE A 250 -29.73 -17.40 29.43
C ILE A 250 -30.04 -17.54 30.92
N GLN A 251 -28.99 -17.84 31.73
CA GLN A 251 -29.11 -17.95 33.19
C GLN A 251 -29.26 -16.56 33.83
N LYS A 252 -30.45 -15.97 33.60
CA LYS A 252 -30.91 -14.68 34.10
C LYS A 252 -32.44 -14.78 34.22
N ARG A 253 -32.92 -14.97 35.47
CA ARG A 253 -34.34 -15.15 35.75
C ARG A 253 -35.14 -13.87 35.55
N LEU A 254 -35.99 -13.85 34.48
CA LEU A 254 -36.84 -12.74 34.03
C LEU A 254 -38.16 -13.21 33.33
N THR A 255 -38.77 -14.33 33.79
CA THR A 255 -40.00 -14.86 33.18
C THR A 255 -41.23 -14.87 34.10
N ALA A 263 -35.70 -19.04 25.41
CA ALA A 263 -35.24 -19.48 24.09
C ALA A 263 -33.99 -20.37 24.16
N SER A 264 -33.72 -21.11 23.05
CA SER A 264 -32.56 -22.02 22.93
C SER A 264 -31.25 -21.23 22.89
N PRO A 265 -30.12 -21.78 23.41
CA PRO A 265 -28.83 -21.04 23.32
C PRO A 265 -28.39 -20.86 21.87
N CYS A 266 -28.80 -21.83 21.04
CA CYS A 266 -28.60 -21.98 19.60
C CYS A 266 -29.31 -20.89 18.81
N ASP A 267 -30.39 -20.31 19.37
CA ASP A 267 -31.17 -19.25 18.74
C ASP A 267 -30.55 -17.87 18.97
N TYR A 268 -29.35 -17.87 19.54
CA TYR A 268 -28.60 -16.67 19.83
C TYR A 268 -27.20 -16.70 19.24
N VAL A 269 -26.66 -15.49 18.95
CA VAL A 269 -25.31 -15.38 18.46
C VAL A 269 -24.49 -14.28 19.12
N LEU A 270 -23.21 -14.59 19.34
CA LEU A 270 -22.21 -13.73 19.99
C LEU A 270 -21.55 -12.81 18.95
N GLN A 271 -21.94 -11.53 18.98
CA GLN A 271 -21.37 -10.49 18.12
C GLN A 271 -20.39 -9.69 18.96
N VAL A 272 -19.17 -9.39 18.47
CA VAL A 272 -18.30 -8.54 19.28
C VAL A 272 -18.81 -7.10 19.38
N SER A 273 -19.02 -6.62 20.62
CA SER A 273 -19.56 -5.31 20.95
C SER A 273 -18.82 -4.09 20.28
N GLY A 274 -19.44 -3.54 19.23
CA GLY A 274 -18.93 -2.40 18.47
C GLY A 274 -18.34 -2.76 17.11
N ARG A 275 -18.49 -4.03 16.70
CA ARG A 275 -17.96 -4.53 15.43
C ARG A 275 -18.91 -5.55 14.76
N VAL A 276 -18.89 -5.61 13.42
CA VAL A 276 -19.59 -6.69 12.72
C VAL A 276 -18.52 -7.78 12.67
N GLU A 277 -18.44 -8.48 13.78
CA GLU A 277 -17.48 -9.53 14.06
C GLU A 277 -18.28 -10.55 14.87
N TYR A 278 -18.25 -11.81 14.47
CA TYR A 278 -19.05 -12.77 15.21
C TYR A 278 -18.20 -13.96 15.70
N VAL A 279 -18.58 -14.55 16.87
CA VAL A 279 -17.89 -15.71 17.49
C VAL A 279 -18.91 -16.82 17.77
N PHE A 280 -18.76 -17.94 17.02
CA PHE A 280 -19.59 -19.14 17.10
C PHE A 280 -18.91 -20.31 16.40
N GLY A 281 -19.35 -21.53 16.72
CA GLY A 281 -18.83 -22.76 16.12
C GLY A 281 -18.20 -23.72 17.11
N ASP A 282 -18.24 -25.03 16.77
CA ASP A 282 -17.70 -26.17 17.53
C ASP A 282 -16.17 -26.05 17.58
N HIS A 283 -15.70 -25.06 18.35
CA HIS A 283 -14.29 -24.68 18.53
C HIS A 283 -14.02 -24.14 19.94
N PRO A 284 -12.76 -24.26 20.42
CA PRO A 284 -12.44 -23.73 21.74
C PRO A 284 -12.31 -22.21 21.75
N LEU A 285 -12.88 -21.56 22.79
CA LEU A 285 -12.88 -20.10 22.95
C LEU A 285 -11.54 -19.47 22.60
N ILE A 286 -10.41 -19.98 23.17
CA ILE A 286 -9.06 -19.46 22.89
C ILE A 286 -8.66 -19.47 21.43
N GLN A 287 -9.17 -20.46 20.66
CA GLN A 287 -8.87 -20.64 19.24
C GLN A 287 -9.29 -19.43 18.38
N PHE A 288 -10.43 -18.74 18.74
CA PHE A 288 -10.95 -17.54 18.07
C PHE A 288 -10.02 -16.34 18.28
N GLN A 289 -9.47 -15.79 17.16
CA GLN A 289 -8.52 -14.66 17.13
C GLN A 289 -8.92 -13.52 18.06
N TYR A 290 -10.22 -13.25 18.19
CA TYR A 290 -10.73 -12.21 19.07
C TYR A 290 -10.23 -12.45 20.49
N ILE A 291 -10.73 -13.53 21.12
CA ILE A 291 -10.39 -14.01 22.46
C ILE A 291 -8.87 -13.99 22.66
N ARG A 292 -8.15 -14.64 21.73
CA ARG A 292 -6.69 -14.73 21.67
C ARG A 292 -6.08 -13.35 21.89
N ASN A 293 -6.60 -12.33 21.21
CA ASN A 293 -6.12 -10.98 21.34
C ASN A 293 -6.41 -10.37 22.70
N CYS A 294 -7.64 -10.48 23.20
CA CYS A 294 -8.04 -9.97 24.52
C CYS A 294 -7.13 -10.62 25.60
N VAL A 295 -6.94 -11.94 25.50
CA VAL A 295 -6.06 -12.75 26.37
C VAL A 295 -4.65 -12.13 26.32
N MET A 296 -4.08 -12.03 25.10
CA MET A 296 -2.79 -11.46 24.74
C MET A 296 -2.56 -10.04 25.22
N ASN A 297 -3.59 -9.20 25.22
CA ASN A 297 -3.39 -7.83 25.70
C ASN A 297 -4.11 -7.52 26.99
N ARG A 298 -4.47 -8.59 27.74
CA ARG A 298 -5.12 -8.53 29.05
C ARG A 298 -6.30 -7.53 29.03
N THR A 299 -7.18 -7.73 28.03
CA THR A 299 -8.39 -6.95 27.72
C THR A 299 -9.63 -7.83 27.90
N LEU A 300 -10.77 -7.20 28.21
CA LEU A 300 -12.03 -7.91 28.45
C LEU A 300 -12.85 -8.19 27.17
N PRO A 301 -12.99 -9.46 26.75
CA PRO A 301 -13.82 -9.76 25.56
C PRO A 301 -15.26 -9.26 25.78
N HIS A 302 -15.72 -8.36 24.89
CA HIS A 302 -17.05 -7.75 24.94
C HIS A 302 -17.99 -8.36 23.93
N PHE A 303 -18.98 -9.08 24.44
CA PHE A 303 -19.96 -9.71 23.58
C PHE A 303 -21.37 -9.20 23.76
N ILE A 304 -22.10 -9.12 22.64
CA ILE A 304 -23.50 -8.73 22.58
C ILE A 304 -24.24 -9.98 22.14
N LEU A 305 -25.39 -10.24 22.75
CA LEU A 305 -26.16 -11.40 22.34
C LEU A 305 -27.31 -11.03 21.47
N VAL A 306 -27.23 -11.48 20.20
CA VAL A 306 -28.25 -11.23 19.19
C VAL A 306 -29.15 -12.44 18.98
N GLU A 307 -30.47 -12.20 19.00
CA GLU A 307 -31.51 -13.20 18.78
C GLU A 307 -31.49 -13.55 17.28
N CYS A 308 -31.66 -14.83 16.92
CA CYS A 308 -31.63 -15.28 15.52
C CYS A 308 -32.42 -14.36 14.61
N CYS A 309 -33.65 -13.99 15.02
CA CYS A 309 -34.56 -13.11 14.27
C CYS A 309 -33.98 -11.76 13.83
N LYS A 310 -32.93 -11.28 14.53
CA LYS A 310 -32.27 -10.02 14.16
C LYS A 310 -31.26 -10.21 13.03
N ILE A 311 -30.58 -11.39 12.98
CA ILE A 311 -29.66 -11.75 11.89
C ILE A 311 -30.49 -12.16 10.65
N LYS A 312 -31.64 -12.87 10.91
CA LYS A 312 -32.64 -13.30 9.91
C LYS A 312 -33.14 -12.08 9.17
N LYS A 313 -33.49 -11.01 9.93
CA LYS A 313 -33.96 -9.70 9.47
C LYS A 313 -32.99 -9.09 8.44
N MET A 314 -31.66 -9.04 8.78
CA MET A 314 -30.56 -8.50 7.96
C MET A 314 -30.39 -9.31 6.68
N TYR A 315 -30.55 -10.64 6.79
CA TYR A 315 -30.43 -11.62 5.71
C TYR A 315 -31.54 -11.44 4.70
N GLU A 316 -32.76 -11.24 5.21
CA GLU A 316 -33.96 -11.04 4.44
C GLU A 316 -33.92 -9.70 3.74
N GLN A 317 -33.47 -8.63 4.41
CA GLN A 317 -33.35 -7.32 3.78
C GLN A 317 -32.27 -7.31 2.67
N GLU A 318 -31.26 -8.19 2.80
CA GLU A 318 -30.18 -8.33 1.83
C GLU A 318 -30.65 -9.20 0.65
N MET A 319 -31.46 -10.24 0.92
CA MET A 319 -32.01 -11.15 -0.09
C MET A 319 -33.09 -10.50 -0.97
N ILE A 320 -33.69 -9.41 -0.46
CA ILE A 320 -34.70 -8.58 -1.14
C ILE A 320 -33.98 -7.86 -2.29
N ALA A 321 -32.76 -7.36 -2.02
CA ALA A 321 -31.91 -6.67 -2.98
C ALA A 321 -31.27 -7.67 -3.95
N ILE A 322 -31.11 -8.92 -3.49
CA ILE A 322 -30.53 -10.00 -4.28
C ILE A 322 -31.48 -10.43 -5.41
N GLU A 323 -32.79 -10.27 -5.17
CA GLU A 323 -33.87 -10.55 -6.13
C GLU A 323 -33.81 -9.60 -7.33
N ALA A 324 -33.18 -8.39 -7.16
CA ALA A 324 -32.97 -7.37 -8.22
C ALA A 324 -32.14 -7.92 -9.42
N ALA A 325 -31.64 -9.18 -9.28
CA ALA A 325 -30.99 -9.95 -10.34
C ALA A 325 -32.18 -10.56 -11.11
N ILE A 326 -32.86 -9.69 -11.91
CA ILE A 326 -34.05 -9.86 -12.76
C ILE A 326 -34.72 -11.22 -12.80
N ILE A 348 -1.59 -29.80 -35.05
CA ILE A 348 -1.28 -28.37 -35.04
C ILE A 348 0.14 -28.05 -34.59
N TRP A 349 0.71 -28.87 -33.68
CA TRP A 349 2.07 -28.67 -33.17
C TRP A 349 3.13 -28.84 -34.25
N ASP A 350 3.11 -29.99 -34.98
CA ASP A 350 4.09 -30.33 -36.02
C ASP A 350 4.18 -29.27 -37.11
N ASN A 351 5.02 -28.25 -36.84
CA ASN A 351 5.29 -27.10 -37.68
C ASN A 351 6.80 -26.87 -37.59
N ASN A 352 7.58 -27.95 -37.74
CA ASN A 352 9.05 -27.95 -37.65
C ASN A 352 9.67 -26.98 -38.66
N ASN A 353 9.71 -25.68 -38.29
CA ASN A 353 10.22 -24.57 -39.10
C ASN A 353 10.67 -23.38 -38.23
N PRO A 354 11.46 -22.41 -38.75
CA PRO A 354 11.86 -21.26 -37.91
C PRO A 354 10.76 -20.22 -37.76
N PHE A 355 10.81 -19.48 -36.63
CA PHE A 355 9.88 -18.41 -36.29
C PHE A 355 10.46 -17.06 -36.71
N GLN A 356 9.67 -16.23 -37.39
CA GLN A 356 10.07 -14.89 -37.84
C GLN A 356 8.86 -13.97 -37.94
N ILE A 357 9.09 -12.67 -37.65
CA ILE A 357 8.03 -11.66 -37.62
C ILE A 357 8.29 -10.49 -38.57
N THR A 358 7.29 -10.20 -39.43
CA THR A 358 7.34 -9.12 -40.42
C THR A 358 6.63 -7.88 -39.87
N LEU A 359 7.18 -6.70 -40.14
CA LEU A 359 6.56 -5.44 -39.69
C LEU A 359 6.73 -4.34 -40.72
N VAL A 360 5.94 -3.26 -40.61
CA VAL A 360 6.02 -2.16 -41.55
C VAL A 360 6.54 -0.81 -40.98
N LYS A 361 5.66 0.18 -40.80
CA LYS A 361 6.00 1.55 -40.39
C LYS A 361 5.94 1.88 -38.89
N GLY A 362 6.55 3.02 -38.55
CA GLY A 362 6.58 3.65 -37.23
C GLY A 362 5.93 5.02 -37.31
N ASN A 363 6.08 5.88 -36.26
CA ASN A 363 5.48 7.23 -36.26
C ASN A 363 6.13 8.33 -35.39
N LYS A 364 7.48 8.50 -35.47
CA LYS A 364 8.17 9.55 -34.71
C LYS A 364 8.68 10.72 -35.55
N LEU A 365 8.55 11.94 -34.99
CA LEU A 365 8.99 13.22 -35.58
C LEU A 365 10.25 13.72 -34.85
N ASN A 366 10.53 13.13 -33.65
CA ASN A 366 11.64 13.41 -32.73
C ASN A 366 13.01 13.54 -33.44
N THR A 367 13.80 14.56 -33.05
CA THR A 367 15.12 14.88 -33.64
C THR A 367 16.31 14.82 -32.64
N GLU A 368 17.45 14.19 -33.06
CA GLU A 368 18.67 14.08 -32.24
C GLU A 368 19.93 14.50 -33.01
N GLU A 369 20.83 15.23 -32.32
CA GLU A 369 22.10 15.76 -32.84
C GLU A 369 23.18 14.68 -33.00
N THR A 370 23.70 14.12 -31.88
CA THR A 370 24.77 13.10 -31.84
C THR A 370 24.47 11.80 -32.64
N VAL A 371 23.21 11.31 -32.60
CA VAL A 371 22.76 10.09 -33.30
C VAL A 371 21.47 10.37 -34.12
N LYS A 372 21.44 9.95 -35.40
CA LYS A 372 20.27 10.13 -36.27
C LYS A 372 19.12 9.15 -35.93
N VAL A 373 19.09 7.96 -36.58
CA VAL A 373 18.06 6.91 -36.49
C VAL A 373 17.99 6.08 -35.19
N HIS A 374 16.82 5.38 -34.98
CA HIS A 374 16.50 4.48 -33.85
C HIS A 374 15.51 3.38 -34.30
N VAL A 375 15.80 2.07 -33.98
CA VAL A 375 15.00 0.84 -34.29
C VAL A 375 15.58 -0.44 -33.65
N ARG A 376 14.75 -1.17 -32.85
CA ARG A 376 15.12 -2.43 -32.13
C ARG A 376 14.01 -3.51 -32.07
N ALA A 377 14.35 -4.73 -31.52
CA ALA A 377 13.50 -5.91 -31.32
C ALA A 377 14.17 -6.96 -30.38
N GLY A 378 13.57 -8.16 -30.25
CA GLY A 378 14.07 -9.26 -29.43
C GLY A 378 13.00 -9.95 -28.59
N LEU A 379 13.16 -11.26 -28.27
CA LEU A 379 12.14 -11.95 -27.47
C LEU A 379 12.62 -12.79 -26.25
N PHE A 380 11.81 -12.77 -25.16
CA PHE A 380 12.06 -13.36 -23.83
C PHE A 380 10.96 -14.32 -23.32
N HIS A 381 11.21 -14.89 -22.12
CA HIS A 381 10.35 -15.73 -21.29
C HIS A 381 10.74 -15.38 -19.86
N GLY A 382 10.16 -14.28 -19.37
CA GLY A 382 10.47 -13.70 -18.08
C GLY A 382 11.72 -12.85 -18.16
N THR A 383 12.72 -13.12 -17.30
CA THR A 383 14.01 -12.42 -17.31
C THR A 383 14.92 -12.97 -18.43
N GLU A 384 14.92 -14.32 -18.61
CA GLU A 384 15.68 -15.11 -19.60
C GLU A 384 15.34 -14.69 -21.02
N LEU A 385 16.37 -14.40 -21.82
CA LEU A 385 16.23 -14.07 -23.24
C LEU A 385 16.32 -15.38 -24.03
N LEU A 386 15.66 -15.44 -25.20
CA LEU A 386 15.64 -16.64 -26.04
C LEU A 386 16.30 -16.37 -27.42
N CYS A 387 16.71 -15.11 -27.64
CA CYS A 387 17.31 -14.59 -28.86
C CYS A 387 18.16 -13.36 -28.53
N LYS A 388 19.08 -13.01 -29.45
CA LYS A 388 19.97 -11.84 -29.35
C LYS A 388 19.15 -10.57 -29.61
N THR A 389 19.66 -9.40 -29.16
CA THR A 389 19.01 -8.09 -29.36
C THR A 389 18.99 -7.73 -30.86
N VAL A 390 17.92 -8.16 -31.57
CA VAL A 390 17.77 -7.94 -33.02
C VAL A 390 17.56 -6.45 -33.32
N VAL A 391 18.36 -5.92 -34.24
CA VAL A 391 18.29 -4.51 -34.68
C VAL A 391 17.33 -4.40 -35.88
N SER A 392 17.39 -3.29 -36.65
CA SER A 392 16.54 -3.07 -37.83
C SER A 392 17.17 -2.08 -38.84
N SER A 393 16.51 -1.90 -40.00
CA SER A 393 16.92 -1.00 -41.08
C SER A 393 16.88 0.47 -40.66
N GLU A 394 17.94 1.23 -40.99
CA GLU A 394 18.07 2.66 -40.65
C GLU A 394 17.30 3.50 -41.67
N ILE A 395 16.41 4.36 -41.15
CA ILE A 395 15.58 5.28 -41.96
C ILE A 395 16.08 6.72 -41.69
N SER A 396 15.19 7.68 -41.41
CA SER A 396 15.59 9.07 -41.11
C SER A 396 15.17 9.40 -39.68
N GLY A 397 16.17 9.43 -38.78
CA GLY A 397 15.96 9.71 -37.37
C GLY A 397 15.63 11.14 -37.01
N LYS A 398 15.54 12.01 -38.03
CA LYS A 398 15.21 13.43 -37.87
C LYS A 398 13.96 13.81 -38.70
N ASN A 399 13.62 12.99 -39.73
CA ASN A 399 12.46 13.25 -40.59
C ASN A 399 11.56 12.02 -40.92
N ASP A 400 11.84 11.29 -42.04
CA ASP A 400 11.08 10.12 -42.54
C ASP A 400 10.98 8.92 -41.56
N HIS A 401 9.74 8.53 -41.22
CA HIS A 401 9.41 7.45 -40.29
C HIS A 401 8.85 6.14 -40.91
N ILE A 402 8.29 6.19 -42.13
CA ILE A 402 7.71 5.03 -42.85
C ILE A 402 8.77 4.05 -43.39
N TRP A 403 8.52 2.71 -43.32
CA TRP A 403 9.43 1.64 -43.76
C TRP A 403 8.78 0.24 -43.85
N ASN A 404 9.63 -0.81 -44.04
CA ASN A 404 9.28 -2.23 -44.11
C ASN A 404 10.57 -3.05 -43.96
N GLU A 405 10.49 -4.19 -43.23
CA GLU A 405 11.59 -5.15 -43.01
C GLU A 405 11.09 -6.48 -42.40
N GLN A 406 11.75 -7.58 -42.77
CA GLN A 406 11.47 -8.94 -42.28
C GLN A 406 12.42 -9.21 -41.10
N LEU A 407 11.89 -9.14 -39.87
CA LEU A 407 12.67 -9.31 -38.64
C LEU A 407 13.10 -10.75 -38.31
N GLU A 408 14.43 -10.96 -38.32
CA GLU A 408 15.12 -12.23 -38.09
C GLU A 408 15.04 -12.67 -36.63
N PHE A 409 14.49 -13.89 -36.42
CA PHE A 409 14.38 -14.53 -35.10
C PHE A 409 14.92 -15.96 -35.17
N ASP A 410 16.22 -16.13 -34.84
CA ASP A 410 16.93 -17.41 -34.91
C ASP A 410 16.46 -18.43 -33.88
N ILE A 411 15.15 -18.75 -33.93
CA ILE A 411 14.45 -19.67 -33.03
C ILE A 411 13.41 -20.41 -33.85
N ASN A 412 13.24 -21.71 -33.57
CA ASN A 412 12.24 -22.54 -34.22
C ASN A 412 10.86 -22.20 -33.68
N ILE A 413 9.84 -22.29 -34.54
CA ILE A 413 8.45 -22.00 -34.17
C ILE A 413 7.87 -23.13 -33.27
N CYS A 414 8.41 -24.36 -33.38
CA CYS A 414 7.96 -25.52 -32.61
C CYS A 414 8.39 -25.43 -31.17
N ASP A 415 9.71 -25.18 -30.93
CA ASP A 415 10.28 -25.01 -29.59
C ASP A 415 10.13 -23.55 -29.16
N LEU A 416 8.92 -23.21 -28.69
CA LEU A 416 8.51 -21.89 -28.25
C LEU A 416 7.63 -22.01 -27.00
N PRO A 417 7.87 -21.16 -25.98
CA PRO A 417 7.05 -21.24 -24.75
C PRO A 417 5.73 -20.50 -24.92
N ARG A 418 4.57 -21.12 -24.58
CA ARG A 418 3.27 -20.43 -24.73
C ARG A 418 3.14 -19.12 -23.93
N MET A 419 4.04 -18.94 -22.97
CA MET A 419 4.10 -17.74 -22.17
C MET A 419 5.21 -16.79 -22.65
N ALA A 420 5.70 -17.00 -23.91
CA ALA A 420 6.73 -16.17 -24.54
C ALA A 420 6.21 -14.77 -24.74
N ARG A 421 7.09 -13.79 -24.45
CA ARG A 421 6.79 -12.37 -24.48
C ARG A 421 7.63 -11.67 -25.52
N LEU A 422 7.01 -11.28 -26.65
CA LEU A 422 7.74 -10.55 -27.68
C LEU A 422 7.90 -9.10 -27.26
N CYS A 423 9.13 -8.65 -27.12
CA CYS A 423 9.38 -7.28 -26.68
C CYS A 423 9.94 -6.43 -27.80
N PHE A 424 9.70 -5.12 -27.75
CA PHE A 424 10.20 -4.18 -28.76
C PHE A 424 10.48 -2.85 -28.13
N ALA A 425 11.44 -2.13 -28.71
CA ALA A 425 11.88 -0.80 -28.34
C ALA A 425 12.55 -0.18 -29.57
N VAL A 426 13.39 0.84 -29.36
CA VAL A 426 14.17 1.53 -30.39
C VAL A 426 15.55 1.84 -29.79
N TYR A 427 16.40 2.56 -30.53
CA TYR A 427 17.72 2.93 -30.04
C TYR A 427 17.50 4.16 -29.12
N ALA A 428 17.72 3.97 -27.80
CA ALA A 428 17.54 5.02 -26.79
C ALA A 428 18.57 6.15 -26.93
N VAL A 429 19.82 5.77 -27.31
CA VAL A 429 20.99 6.64 -27.51
C VAL A 429 20.75 7.65 -28.65
N VAL A 460 12.48 7.21 -29.18
CA VAL A 460 12.67 6.44 -27.94
C VAL A 460 11.33 6.21 -27.22
N ALA A 461 10.79 4.98 -27.38
CA ALA A 461 9.55 4.46 -26.80
C ALA A 461 9.68 2.94 -26.71
N TRP A 462 8.60 2.21 -26.34
CA TRP A 462 8.61 0.74 -26.26
C TRP A 462 7.22 0.13 -26.18
N VAL A 463 7.06 -1.05 -26.80
CA VAL A 463 5.86 -1.87 -26.77
C VAL A 463 6.28 -3.29 -26.59
N ASN A 464 5.66 -4.00 -25.66
CA ASN A 464 5.96 -5.40 -25.39
C ASN A 464 4.64 -6.16 -25.51
N THR A 465 4.49 -7.03 -26.52
CA THR A 465 3.24 -7.77 -26.69
C THR A 465 3.48 -9.26 -26.86
N MET A 466 2.63 -10.06 -26.23
CA MET A 466 2.76 -11.52 -26.23
C MET A 466 2.50 -12.25 -27.55
N VAL A 467 3.38 -13.26 -27.82
CA VAL A 467 3.45 -14.17 -28.97
C VAL A 467 2.18 -15.02 -29.08
N PHE A 468 1.59 -15.37 -27.93
CA PHE A 468 0.38 -16.17 -27.85
C PHE A 468 -0.74 -15.30 -27.26
N ASP A 469 -2.00 -15.71 -27.43
CA ASP A 469 -3.11 -14.94 -26.89
C ASP A 469 -3.86 -15.67 -25.77
N PHE A 470 -4.97 -15.08 -25.33
CA PHE A 470 -5.84 -15.56 -24.26
C PHE A 470 -6.14 -17.07 -24.28
N LYS A 471 -6.38 -17.64 -25.49
CA LYS A 471 -6.66 -19.07 -25.66
C LYS A 471 -5.47 -19.83 -26.27
N GLY A 472 -4.29 -19.23 -26.15
CA GLY A 472 -3.04 -19.81 -26.61
C GLY A 472 -2.91 -19.95 -28.11
N GLN A 473 -3.61 -19.11 -28.87
CA GLN A 473 -3.54 -19.08 -30.33
C GLN A 473 -2.32 -18.24 -30.70
N LEU A 474 -1.55 -18.70 -31.71
CA LEU A 474 -0.37 -17.98 -32.18
C LEU A 474 -0.84 -16.64 -32.73
N ARG A 475 -0.41 -15.54 -32.09
CA ARG A 475 -0.73 -14.18 -32.51
C ARG A 475 -0.19 -13.99 -33.91
N SER A 476 -1.12 -13.86 -34.86
CA SER A 476 -0.86 -13.71 -36.29
C SER A 476 -1.88 -12.82 -36.99
N GLY A 477 -1.44 -12.16 -38.06
CA GLY A 477 -2.23 -11.18 -38.78
C GLY A 477 -1.74 -9.79 -38.40
N ASP A 478 -2.38 -8.74 -38.94
CA ASP A 478 -1.97 -7.36 -38.65
C ASP A 478 -2.47 -6.83 -37.31
N VAL A 479 -1.53 -6.45 -36.40
CA VAL A 479 -1.80 -5.91 -35.06
C VAL A 479 -1.10 -4.55 -34.84
N ILE A 480 -1.79 -3.59 -34.18
CA ILE A 480 -1.28 -2.26 -33.86
C ILE A 480 -0.76 -2.21 -32.43
N LEU A 481 0.47 -1.71 -32.24
CA LEU A 481 1.06 -1.66 -30.90
C LEU A 481 1.28 -0.25 -30.39
N HIS A 482 0.38 0.21 -29.49
CA HIS A 482 0.46 1.54 -28.87
C HIS A 482 1.50 1.61 -27.75
N SER A 483 2.67 2.16 -28.09
CA SER A 483 3.88 2.27 -27.27
C SER A 483 3.83 3.21 -26.07
N TRP A 484 4.83 3.07 -25.16
CA TRP A 484 5.00 3.85 -23.93
C TRP A 484 6.22 4.79 -24.02
N SER A 485 6.03 5.98 -24.63
CA SER A 485 7.10 6.96 -24.80
C SER A 485 7.45 7.64 -23.48
N SER A 486 8.76 7.82 -23.23
CA SER A 486 9.35 8.42 -22.02
C SER A 486 8.99 7.69 -20.73
N PHE A 487 8.46 6.47 -20.87
CA PHE A 487 8.13 5.57 -19.79
C PHE A 487 9.26 4.52 -19.49
N PRO A 488 10.35 4.32 -20.32
CA PRO A 488 11.35 3.32 -19.93
C PRO A 488 12.10 3.70 -18.66
N ASP A 489 12.44 2.70 -17.83
CA ASP A 489 13.20 2.87 -16.60
C ASP A 489 14.70 2.93 -16.91
N GLU A 490 15.46 3.66 -16.08
CA GLU A 490 16.92 3.87 -16.18
C GLU A 490 17.75 2.60 -16.50
N LEU A 491 17.33 1.43 -15.98
CA LEU A 491 17.96 0.14 -16.23
C LEU A 491 16.94 -0.87 -16.82
N GLU A 492 17.32 -1.61 -17.90
CA GLU A 492 16.43 -2.57 -18.59
C GLU A 492 17.09 -3.74 -19.36
N GLU A 493 18.45 -3.73 -19.51
CA GLU A 493 19.25 -4.71 -20.29
C GLU A 493 18.84 -4.59 -21.78
N MET A 494 19.21 -3.43 -22.37
CA MET A 494 18.91 -2.98 -23.73
C MET A 494 17.42 -2.93 -24.05
N LEU A 495 16.79 -4.10 -24.16
CA LEU A 495 15.36 -4.22 -24.40
C LEU A 495 14.70 -4.57 -23.04
N ASN A 496 13.62 -3.82 -22.65
CA ASN A 496 12.89 -4.05 -21.39
C ASN A 496 11.92 -5.25 -21.45
N PRO A 497 12.16 -6.31 -20.66
CA PRO A 497 11.23 -7.46 -20.70
C PRO A 497 10.15 -7.43 -19.63
N MET A 498 10.34 -6.63 -18.55
CA MET A 498 9.45 -6.52 -17.40
C MET A 498 8.09 -5.89 -17.70
N GLY A 499 8.09 -4.73 -18.35
CA GLY A 499 6.92 -3.91 -18.72
C GLY A 499 5.68 -4.62 -19.22
N THR A 500 4.50 -3.98 -19.05
CA THR A 500 3.19 -4.51 -19.43
C THR A 500 3.03 -4.91 -20.88
N VAL A 501 2.17 -5.91 -21.09
CA VAL A 501 1.76 -6.47 -22.37
C VAL A 501 0.47 -5.74 -22.85
N GLN A 502 -0.20 -5.05 -21.90
CA GLN A 502 -1.39 -4.24 -22.12
C GLN A 502 -0.90 -2.87 -22.57
N THR A 503 -1.38 -2.43 -23.75
CA THR A 503 -0.95 -1.22 -24.44
C THR A 503 -1.63 0.09 -24.01
N ASN A 504 -0.94 1.23 -24.30
CA ASN A 504 -1.28 2.63 -24.03
C ASN A 504 -2.72 2.95 -24.47
N PRO A 505 -3.55 3.62 -23.61
CA PRO A 505 -4.94 3.91 -24.01
C PRO A 505 -5.07 5.03 -25.04
N TYR A 506 -4.03 5.87 -25.20
CA TYR A 506 -4.00 7.01 -26.11
C TYR A 506 -3.54 6.69 -27.54
N ALA A 507 -4.25 7.27 -28.53
CA ALA A 507 -3.96 7.14 -29.95
C ALA A 507 -3.35 8.45 -30.46
N GLU A 508 -4.11 9.56 -30.35
CA GLU A 508 -3.66 10.89 -30.75
C GLU A 508 -2.60 11.39 -29.77
N ASN A 509 -1.46 11.87 -30.31
CA ASN A 509 -0.31 12.38 -29.57
C ASN A 509 0.27 11.42 -28.53
N ALA A 510 0.30 10.13 -28.90
CA ALA A 510 0.84 9.02 -28.14
C ALA A 510 1.18 7.90 -29.13
N THR A 511 2.46 7.48 -29.12
CA THR A 511 3.08 6.46 -29.99
C THR A 511 2.28 5.19 -30.30
N ALA A 512 2.58 4.60 -31.48
CA ALA A 512 1.98 3.37 -32.01
C ALA A 512 2.99 2.64 -32.91
N LEU A 513 2.67 1.39 -33.32
CA LEU A 513 3.53 0.55 -34.19
C LEU A 513 2.71 -0.46 -35.00
N HIS A 514 3.07 -0.64 -36.30
CA HIS A 514 2.42 -1.57 -37.21
C HIS A 514 3.21 -2.87 -37.29
N ILE A 515 2.52 -4.04 -37.16
CA ILE A 515 3.16 -5.37 -37.17
C ILE A 515 2.26 -6.47 -37.73
N THR A 516 2.88 -7.46 -38.41
CA THR A 516 2.19 -8.63 -38.96
C THR A 516 2.90 -9.94 -38.62
N PHE A 517 2.12 -10.99 -38.35
CA PHE A 517 2.69 -12.30 -38.00
C PHE A 517 2.17 -13.37 -38.95
N PRO A 518 2.84 -14.55 -39.08
CA PRO A 518 2.38 -15.57 -40.05
C PRO A 518 0.95 -16.09 -39.86
N GLU A 519 -0.03 -15.40 -40.48
CA GLU A 519 -1.45 -15.76 -40.45
C GLU A 519 -1.71 -16.90 -41.44
N ASN A 520 -0.97 -16.88 -42.57
CA ASN A 520 -0.94 -17.81 -43.72
C ASN A 520 -2.11 -18.78 -43.94
N LYS A 521 -2.20 -19.86 -43.12
CA LYS A 521 -3.21 -20.91 -43.24
C LYS A 521 -4.59 -20.56 -42.69
N LYS A 522 -5.65 -21.12 -43.33
CA LYS A 522 -7.07 -20.99 -42.95
C LYS A 522 -7.32 -21.66 -41.59
N GLN A 523 -6.46 -22.63 -41.22
CA GLN A 523 -6.45 -23.34 -39.94
C GLN A 523 -5.24 -22.82 -39.15
N PRO A 524 -5.44 -22.20 -37.96
CA PRO A 524 -4.31 -21.64 -37.22
C PRO A 524 -3.62 -22.63 -36.27
N CYS A 525 -2.55 -22.14 -35.60
CA CYS A 525 -1.71 -22.89 -34.66
C CYS A 525 -1.97 -22.47 -33.22
N TYR A 526 -2.38 -23.44 -32.38
CA TYR A 526 -2.68 -23.22 -30.95
C TYR A 526 -1.66 -23.98 -30.11
N TYR A 527 -1.46 -23.51 -28.86
CA TYR A 527 -0.54 -24.09 -27.87
C TYR A 527 -0.78 -25.58 -27.61
N PRO A 528 0.29 -26.37 -27.38
CA PRO A 528 0.08 -27.80 -27.13
C PRO A 528 -0.72 -28.03 -25.85
N PRO A 529 -1.75 -28.88 -25.90
CA PRO A 529 -2.61 -29.10 -24.73
C PRO A 529 -1.93 -29.34 -23.40
N PHE A 530 -2.66 -28.95 -22.35
CA PHE A 530 -2.37 -29.09 -20.93
C PHE A 530 -2.11 -30.56 -20.54
N ASP A 531 -2.55 -31.52 -21.40
CA ASP A 531 -2.41 -32.97 -21.29
C ASP A 531 -1.29 -33.46 -22.20
N LYS A 532 -1.31 -33.05 -23.50
CA LYS A 532 -0.35 -33.45 -24.53
C LYS A 532 1.12 -33.21 -24.21
N ILE A 533 1.43 -32.24 -23.31
CA ILE A 533 2.81 -31.97 -22.89
C ILE A 533 3.29 -32.96 -21.81
N ILE A 534 2.37 -33.67 -21.16
CA ILE A 534 2.68 -34.70 -20.16
C ILE A 534 3.03 -35.98 -20.91
N GLU A 535 2.28 -36.26 -21.99
CA GLU A 535 2.47 -37.40 -22.90
C GLU A 535 3.79 -37.25 -23.66
N LYS A 536 4.19 -35.98 -23.94
CA LYS A 536 5.46 -35.59 -24.56
C LYS A 536 6.59 -36.03 -23.62
N ALA A 537 6.37 -35.93 -22.30
CA ALA A 537 7.34 -36.26 -21.25
C ALA A 537 7.41 -37.74 -20.92
N ALA A 538 6.25 -38.43 -20.95
CA ALA A 538 6.15 -39.87 -20.65
C ALA A 538 6.82 -40.70 -21.76
N GLU A 539 6.68 -40.23 -23.04
CA GLU A 539 7.29 -40.81 -24.25
C GLU A 539 8.82 -40.65 -24.16
N LEU A 540 9.27 -39.44 -23.79
CA LEU A 540 10.67 -39.07 -23.59
C LEU A 540 11.21 -39.79 -22.33
N ALA A 541 10.30 -40.22 -21.42
CA ALA A 541 10.54 -40.90 -20.14
C ALA A 541 11.54 -40.18 -19.25
N GLY A 553 20.92 -39.51 -3.72
CA GLY A 553 22.14 -38.71 -3.76
C GLY A 553 22.58 -38.18 -2.40
N LYS A 554 23.03 -39.11 -1.53
CA LYS A 554 23.50 -38.82 -0.16
C LYS A 554 24.83 -38.03 -0.20
N LYS A 555 25.57 -38.15 -1.32
CA LYS A 555 26.84 -37.46 -1.59
C LYS A 555 26.49 -36.04 -2.03
N PHE A 556 25.51 -35.93 -2.96
CA PHE A 556 24.98 -34.70 -3.54
C PHE A 556 24.22 -33.86 -2.53
N LEU A 557 23.56 -34.54 -1.56
CA LEU A 557 22.82 -33.97 -0.43
C LEU A 557 23.66 -32.84 0.18
N ALA A 558 24.98 -33.08 0.31
CA ALA A 558 25.97 -32.14 0.82
C ALA A 558 26.18 -30.96 -0.15
N VAL A 559 26.44 -31.24 -1.47
CA VAL A 559 26.67 -30.19 -2.47
C VAL A 559 25.49 -29.30 -2.74
N LEU A 560 24.34 -29.86 -3.15
CA LEU A 560 23.16 -29.06 -3.46
C LEU A 560 22.57 -28.26 -2.30
N LYS A 561 22.79 -28.69 -1.04
CA LYS A 561 22.34 -27.89 0.10
C LYS A 561 23.08 -26.54 0.03
N GLU A 562 24.34 -26.58 -0.44
CA GLU A 562 25.20 -25.39 -0.62
C GLU A 562 24.85 -24.58 -1.88
N ILE A 563 23.93 -25.10 -2.73
CA ILE A 563 23.51 -24.44 -3.96
C ILE A 563 22.08 -23.93 -3.79
N LEU A 564 21.14 -24.85 -3.43
CA LEU A 564 19.71 -24.62 -3.23
C LEU A 564 19.39 -23.94 -1.88
N ASP A 565 20.19 -22.90 -1.54
CA ASP A 565 20.03 -22.09 -0.32
C ASP A 565 20.01 -20.59 -0.63
N ARG A 566 20.95 -20.13 -1.49
CA ARG A 566 21.16 -18.75 -1.94
C ARG A 566 19.88 -18.03 -2.38
N ASP A 567 19.50 -16.99 -1.61
CA ASP A 567 18.34 -16.09 -1.71
C ASP A 567 17.69 -15.91 -3.12
N PRO A 568 16.33 -15.84 -3.21
CA PRO A 568 15.66 -15.67 -4.52
C PRO A 568 16.22 -14.65 -5.53
N LEU A 569 16.76 -13.50 -5.04
CA LEU A 569 17.35 -12.46 -5.89
C LEU A 569 18.70 -12.90 -6.48
N SER A 570 19.43 -13.78 -5.77
CA SER A 570 20.70 -14.32 -6.24
C SER A 570 20.47 -15.33 -7.38
N GLN A 571 20.98 -14.99 -8.58
CA GLN A 571 20.86 -15.78 -9.80
C GLN A 571 22.07 -16.69 -10.05
N LEU A 572 21.80 -18.00 -10.16
CA LEU A 572 22.74 -19.11 -10.39
C LEU A 572 23.53 -18.95 -11.67
N CYS A 573 24.72 -19.58 -11.70
CA CYS A 573 25.61 -19.61 -12.85
C CYS A 573 25.54 -21.00 -13.49
N GLU A 574 25.34 -21.00 -14.81
CA GLU A 574 25.23 -22.14 -15.73
C GLU A 574 25.53 -23.55 -15.22
N ASN A 575 26.73 -23.76 -14.64
CA ASN A 575 27.20 -25.06 -14.09
C ASN A 575 26.31 -25.57 -12.94
N GLU A 576 25.85 -24.63 -12.08
CA GLU A 576 24.95 -24.90 -10.95
C GLU A 576 23.65 -25.38 -11.55
N MET A 577 23.09 -24.58 -12.50
CA MET A 577 21.85 -24.85 -13.26
C MET A 577 21.86 -26.28 -13.82
N ASP A 578 23.00 -26.68 -14.41
CA ASP A 578 23.21 -27.99 -14.98
C ASP A 578 23.02 -29.10 -13.95
N LEU A 579 23.73 -29.02 -12.81
CA LEU A 579 23.65 -29.99 -11.72
C LEU A 579 22.26 -30.07 -11.13
N ILE A 580 21.59 -28.89 -10.97
CA ILE A 580 20.24 -28.79 -10.44
C ILE A 580 19.30 -29.61 -11.33
N TRP A 581 19.45 -29.49 -12.66
CA TRP A 581 18.65 -30.28 -13.59
C TRP A 581 19.10 -31.72 -13.59
N THR A 582 20.43 -31.95 -13.52
CA THR A 582 20.97 -33.31 -13.53
C THR A 582 20.39 -34.09 -12.35
N LEU A 583 20.63 -33.60 -11.12
CA LEU A 583 20.16 -34.23 -9.89
C LEU A 583 18.74 -33.78 -9.47
N ARG A 584 17.91 -33.37 -10.46
CA ARG A 584 16.54 -32.89 -10.29
C ARG A 584 15.58 -33.81 -9.50
N GLN A 585 15.70 -35.14 -9.70
CA GLN A 585 14.84 -36.10 -9.03
C GLN A 585 15.23 -36.24 -7.58
N ASP A 586 16.55 -36.17 -7.30
CA ASP A 586 17.08 -36.28 -5.96
C ASP A 586 16.62 -35.12 -5.10
N CYS A 587 16.76 -33.87 -5.59
CA CYS A 587 16.32 -32.70 -4.84
C CYS A 587 14.82 -32.65 -4.66
N ARG A 588 14.04 -33.20 -5.61
CA ARG A 588 12.58 -33.29 -5.47
C ARG A 588 12.21 -34.05 -4.19
N GLU A 589 13.02 -35.08 -3.84
CA GLU A 589 12.84 -35.98 -2.69
C GLU A 589 13.39 -35.44 -1.37
N ASN A 590 14.35 -34.50 -1.39
CA ASN A 590 14.95 -34.01 -0.15
C ASN A 590 14.86 -32.51 0.04
N PHE A 591 14.87 -31.76 -1.06
CA PHE A 591 14.78 -30.31 -1.09
C PHE A 591 13.54 -29.94 -1.95
N PRO A 592 12.29 -30.18 -1.50
CA PRO A 592 11.16 -29.83 -2.36
C PRO A 592 11.08 -28.31 -2.58
N GLN A 593 11.55 -27.54 -1.59
CA GLN A 593 11.57 -26.08 -1.53
C GLN A 593 12.53 -25.44 -2.54
N SER A 594 13.21 -26.27 -3.30
CA SER A 594 14.19 -25.87 -4.29
C SER A 594 13.64 -25.69 -5.71
N LEU A 595 12.35 -26.11 -5.97
CA LEU A 595 11.79 -25.94 -7.31
C LEU A 595 11.91 -24.53 -7.83
N PRO A 596 11.72 -23.45 -7.03
CA PRO A 596 11.98 -22.10 -7.55
C PRO A 596 13.33 -21.98 -8.25
N LYS A 597 14.40 -22.59 -7.67
CA LYS A 597 15.74 -22.57 -8.24
C LYS A 597 15.76 -23.43 -9.50
N LEU A 598 15.25 -24.67 -9.40
CA LEU A 598 15.17 -25.61 -10.50
C LEU A 598 14.39 -25.09 -11.71
N LEU A 599 13.23 -24.44 -11.46
CA LEU A 599 12.36 -23.89 -12.51
C LEU A 599 13.06 -22.84 -13.35
N LEU A 600 14.22 -22.34 -12.88
CA LEU A 600 15.01 -21.36 -13.59
C LEU A 600 16.29 -21.98 -14.19
N SER A 601 16.62 -23.23 -13.79
CA SER A 601 17.79 -23.97 -14.25
C SER A 601 17.78 -24.24 -15.77
N ILE A 602 16.71 -24.89 -16.27
CA ILE A 602 16.54 -25.20 -17.72
C ILE A 602 16.19 -23.98 -18.56
N LYS A 603 16.76 -23.89 -19.77
CA LYS A 603 16.41 -22.81 -20.70
C LYS A 603 15.00 -23.17 -21.22
N TRP A 604 14.10 -22.19 -21.31
CA TRP A 604 12.75 -22.49 -21.79
C TRP A 604 12.67 -22.56 -23.32
N ASN A 605 13.86 -22.43 -23.99
CA ASN A 605 14.08 -22.43 -25.44
C ASN A 605 13.59 -23.69 -26.18
N LYS A 606 13.65 -24.86 -25.54
CA LYS A 606 13.20 -26.11 -26.19
C LYS A 606 12.12 -26.84 -25.42
N LEU A 607 11.23 -27.56 -26.12
CA LEU A 607 10.08 -28.25 -25.53
C LEU A 607 10.33 -29.54 -24.75
N GLU A 608 11.38 -30.31 -25.12
CA GLU A 608 11.76 -31.60 -24.51
C GLU A 608 11.95 -31.49 -22.97
N ASP A 609 12.73 -30.49 -22.55
CA ASP A 609 13.03 -30.17 -21.15
C ASP A 609 11.77 -29.66 -20.46
N VAL A 610 11.03 -28.75 -21.15
CA VAL A 610 9.79 -28.12 -20.70
C VAL A 610 8.79 -29.20 -20.29
N ALA A 611 8.58 -30.20 -21.17
CA ALA A 611 7.71 -31.34 -20.94
C ALA A 611 8.07 -32.08 -19.64
N GLN A 612 9.36 -32.46 -19.49
CA GLN A 612 9.93 -33.13 -18.30
C GLN A 612 9.75 -32.25 -17.07
N LEU A 613 9.90 -30.92 -17.23
CA LEU A 613 9.75 -29.95 -16.17
C LEU A 613 8.30 -29.91 -15.69
N GLN A 614 7.33 -29.85 -16.64
CA GLN A 614 5.90 -29.83 -16.35
C GLN A 614 5.46 -31.09 -15.64
N ALA A 615 6.09 -32.21 -16.03
CA ALA A 615 5.85 -33.54 -15.49
C ALA A 615 6.20 -33.54 -14.01
N LEU A 616 7.35 -32.91 -13.68
CA LEU A 616 7.87 -32.78 -12.33
C LEU A 616 6.89 -32.05 -11.42
N LEU A 617 6.36 -30.89 -11.85
CA LEU A 617 5.41 -30.08 -11.08
C LEU A 617 4.23 -30.87 -10.53
N GLN A 618 3.56 -31.69 -11.39
CA GLN A 618 2.41 -32.52 -11.02
C GLN A 618 2.82 -33.54 -9.93
N ILE A 619 4.00 -34.14 -10.08
CA ILE A 619 4.58 -35.11 -9.15
C ILE A 619 5.46 -34.45 -8.07
N TRP A 620 5.47 -33.09 -8.02
CA TRP A 620 6.22 -32.29 -7.03
C TRP A 620 5.28 -31.95 -5.89
N PRO A 621 5.73 -32.06 -4.64
CA PRO A 621 4.84 -31.73 -3.52
C PRO A 621 4.53 -30.24 -3.40
N LYS A 622 3.47 -29.91 -2.64
CA LYS A 622 3.06 -28.52 -2.48
C LYS A 622 3.86 -27.77 -1.42
N LEU A 623 4.54 -26.67 -1.81
CA LEU A 623 5.28 -25.85 -0.84
C LEU A 623 4.35 -24.95 -0.01
N PRO A 624 4.70 -24.55 1.25
CA PRO A 624 3.79 -23.69 2.01
C PRO A 624 3.45 -22.36 1.35
N PRO A 625 2.31 -21.72 1.70
CA PRO A 625 1.95 -20.44 1.07
C PRO A 625 3.01 -19.34 1.17
N ARG A 626 3.73 -19.27 2.30
CA ARG A 626 4.81 -18.31 2.52
C ARG A 626 5.91 -18.50 1.47
N GLU A 627 6.20 -19.78 1.16
CA GLU A 627 7.19 -20.25 0.19
C GLU A 627 6.69 -20.03 -1.24
N ALA A 628 5.44 -20.49 -1.52
CA ALA A 628 4.77 -20.43 -2.82
C ALA A 628 4.85 -19.06 -3.48
N LEU A 629 4.69 -17.99 -2.69
CA LEU A 629 4.70 -16.58 -3.10
C LEU A 629 5.81 -16.17 -4.09
N GLU A 630 6.98 -16.83 -4.01
CA GLU A 630 8.10 -16.56 -4.90
C GLU A 630 7.69 -16.89 -6.34
N LEU A 631 7.01 -18.01 -6.54
CA LEU A 631 6.55 -18.49 -7.85
C LEU A 631 5.51 -17.59 -8.56
N LEU A 632 5.31 -16.35 -8.06
CA LEU A 632 4.39 -15.38 -8.66
C LEU A 632 5.11 -14.11 -9.12
N ASP A 633 6.45 -14.06 -8.97
CA ASP A 633 7.20 -12.91 -9.44
C ASP A 633 7.61 -13.10 -10.90
N PHE A 634 8.30 -12.08 -11.48
CA PHE A 634 8.82 -12.03 -12.86
C PHE A 634 9.49 -13.32 -13.31
N ASN A 635 10.36 -13.90 -12.45
CA ASN A 635 11.10 -15.14 -12.69
C ASN A 635 10.24 -16.28 -13.27
N TYR A 636 9.02 -16.47 -12.72
CA TYR A 636 8.11 -17.56 -13.08
C TYR A 636 6.84 -17.12 -13.81
N PRO A 637 6.86 -17.00 -15.17
CA PRO A 637 5.64 -16.60 -15.88
C PRO A 637 4.78 -17.76 -16.41
N ASP A 638 5.19 -19.04 -16.19
CA ASP A 638 4.45 -20.21 -16.67
C ASP A 638 3.06 -20.45 -16.08
N GLN A 639 2.08 -20.62 -16.99
CA GLN A 639 0.66 -20.87 -16.73
C GLN A 639 0.33 -22.11 -15.91
N TYR A 640 1.33 -22.97 -15.61
CA TYR A 640 1.12 -24.19 -14.84
C TYR A 640 1.84 -24.19 -13.50
N VAL A 641 2.95 -23.43 -13.41
CA VAL A 641 3.70 -23.29 -12.17
C VAL A 641 2.84 -22.38 -11.27
N ARG A 642 2.24 -21.34 -11.91
CA ARG A 642 1.39 -20.32 -11.31
C ARG A 642 0.11 -20.93 -10.84
N GLU A 643 -0.45 -21.84 -11.64
CA GLU A 643 -1.65 -22.64 -11.34
C GLU A 643 -1.41 -23.52 -10.08
N TYR A 644 -0.14 -23.87 -9.81
CA TYR A 644 0.27 -24.66 -8.65
C TYR A 644 0.68 -23.78 -7.50
N ALA A 645 1.34 -22.63 -7.80
CA ALA A 645 1.73 -21.62 -6.81
C ALA A 645 0.47 -21.25 -5.99
N VAL A 646 -0.61 -20.81 -6.70
CA VAL A 646 -1.92 -20.46 -6.12
C VAL A 646 -2.55 -21.68 -5.51
N GLY A 647 -2.25 -22.84 -6.09
CA GLY A 647 -2.74 -24.12 -5.60
C GLY A 647 -2.48 -24.17 -4.11
N CYS A 648 -1.20 -23.90 -3.76
CA CYS A 648 -0.75 -23.85 -2.38
C CYS A 648 -1.43 -22.72 -1.60
N LEU A 649 -1.50 -21.48 -2.18
CA LEU A 649 -2.15 -20.36 -1.52
C LEU A 649 -3.56 -20.76 -1.18
N ARG A 650 -4.31 -21.39 -2.13
CA ARG A 650 -5.69 -21.85 -1.94
C ARG A 650 -5.87 -22.63 -0.63
N GLN A 651 -4.77 -23.25 -0.14
CA GLN A 651 -4.77 -23.95 1.14
C GLN A 651 -4.10 -23.06 2.20
N MET A 652 -4.66 -21.85 2.38
CA MET A 652 -4.22 -20.91 3.42
C MET A 652 -5.41 -20.22 4.06
N SER A 653 -5.26 -19.78 5.32
CA SER A 653 -6.36 -19.14 6.04
C SER A 653 -6.58 -17.76 5.50
N ASP A 654 -7.81 -17.26 5.68
CA ASP A 654 -8.20 -15.93 5.26
C ASP A 654 -7.37 -14.89 6.01
N GLU A 655 -7.05 -15.17 7.29
CA GLU A 655 -6.21 -14.30 8.11
C GLU A 655 -4.79 -14.32 7.56
N GLU A 656 -4.32 -15.50 7.11
CA GLU A 656 -2.99 -15.62 6.50
C GLU A 656 -3.03 -14.97 5.12
N LEU A 657 -4.18 -15.11 4.42
CA LEU A 657 -4.38 -14.53 3.11
C LEU A 657 -4.31 -13.01 3.17
N SER A 658 -5.13 -12.39 4.05
CA SER A 658 -5.19 -10.94 4.23
C SER A 658 -3.81 -10.37 4.42
N GLN A 659 -2.90 -11.19 4.97
CA GLN A 659 -1.52 -10.81 5.20
C GLN A 659 -0.81 -10.46 3.89
N TYR A 660 -0.64 -11.45 3.01
CA TYR A 660 0.08 -11.26 1.75
C TYR A 660 -0.77 -10.70 0.59
N LEU A 661 -2.01 -10.26 0.92
CA LEU A 661 -2.99 -9.69 -0.01
C LEU A 661 -2.50 -8.49 -0.78
N LEU A 662 -1.82 -7.52 -0.14
CA LEU A 662 -1.32 -6.32 -0.84
C LEU A 662 -0.51 -6.73 -2.07
N GLN A 663 0.61 -7.43 -1.88
CA GLN A 663 1.43 -7.88 -2.98
C GLN A 663 0.76 -8.90 -3.91
N LEU A 664 -0.20 -9.70 -3.43
CA LEU A 664 -0.96 -10.59 -4.29
C LEU A 664 -1.72 -9.77 -5.34
N VAL A 665 -2.27 -8.59 -4.93
CA VAL A 665 -2.96 -7.63 -5.81
C VAL A 665 -1.97 -7.06 -6.82
N GLN A 666 -0.73 -6.81 -6.38
CA GLN A 666 0.33 -6.31 -7.25
C GLN A 666 0.80 -7.34 -8.28
N VAL A 667 0.51 -8.63 -8.05
CA VAL A 667 0.84 -9.69 -8.98
C VAL A 667 -0.23 -9.63 -10.07
N LEU A 668 -1.46 -9.19 -9.72
CA LEU A 668 -2.54 -9.02 -10.72
C LEU A 668 -2.14 -7.96 -11.72
N LYS A 669 -1.34 -6.98 -11.27
CA LYS A 669 -0.82 -5.87 -12.06
C LYS A 669 0.20 -6.42 -13.08
N TYR A 670 0.94 -7.47 -12.69
CA TYR A 670 1.97 -8.14 -13.50
C TYR A 670 1.31 -9.00 -14.55
N GLU A 671 0.32 -9.80 -14.14
CA GLU A 671 -0.41 -10.72 -14.98
C GLU A 671 -0.62 -10.25 -16.44
N PRO A 672 -0.28 -11.10 -17.44
CA PRO A 672 -0.43 -10.67 -18.84
C PRO A 672 -1.84 -10.83 -19.39
N PHE A 673 -2.60 -11.76 -18.81
CA PHE A 673 -3.95 -12.03 -19.24
C PHE A 673 -4.96 -11.54 -18.22
N LEU A 674 -6.22 -11.98 -18.35
CA LEU A 674 -7.27 -11.59 -17.43
C LEU A 674 -7.82 -12.78 -16.65
N ASP A 675 -8.22 -13.89 -17.34
CA ASP A 675 -8.80 -15.05 -16.63
C ASP A 675 -7.85 -15.94 -15.84
N CYS A 676 -6.72 -15.39 -15.40
CA CYS A 676 -5.68 -16.07 -14.62
C CYS A 676 -6.20 -16.71 -13.32
N ALA A 677 -5.47 -17.71 -12.82
CA ALA A 677 -5.81 -18.46 -11.61
C ALA A 677 -5.83 -17.58 -10.37
N LEU A 678 -4.91 -16.58 -10.33
CA LEU A 678 -4.75 -15.61 -9.25
C LEU A 678 -6.00 -14.74 -9.10
N SER A 679 -6.49 -14.15 -10.23
CA SER A 679 -7.68 -13.30 -10.25
C SER A 679 -8.86 -14.11 -9.80
N ARG A 680 -9.03 -15.28 -10.43
CA ARG A 680 -10.07 -16.26 -10.11
C ARG A 680 -10.03 -16.64 -8.61
N PHE A 681 -8.79 -16.82 -8.06
CA PHE A 681 -8.56 -17.15 -6.65
C PHE A 681 -8.97 -16.00 -5.76
N LEU A 682 -8.39 -14.81 -6.00
CA LEU A 682 -8.66 -13.59 -5.24
C LEU A 682 -10.13 -13.21 -5.21
N LEU A 683 -10.82 -13.28 -6.36
CA LEU A 683 -12.25 -13.01 -6.43
C LEU A 683 -12.97 -14.14 -5.71
N GLU A 684 -12.55 -15.42 -5.93
CA GLU A 684 -13.16 -16.58 -5.25
C GLU A 684 -13.12 -16.42 -3.74
N ARG A 685 -12.00 -15.83 -3.26
CA ARG A 685 -11.75 -15.57 -1.85
C ARG A 685 -12.49 -14.33 -1.37
N ALA A 686 -12.37 -13.20 -2.10
CA ALA A 686 -13.03 -11.93 -1.79
C ALA A 686 -14.55 -12.03 -1.79
N LEU A 687 -15.11 -13.01 -2.53
CA LEU A 687 -16.55 -13.21 -2.58
C LEU A 687 -17.03 -14.01 -1.39
N ASP A 688 -16.08 -14.56 -0.61
CA ASP A 688 -16.38 -15.31 0.60
C ASP A 688 -15.74 -14.70 1.85
N ASN A 689 -15.16 -13.47 1.69
CA ASN A 689 -14.46 -12.59 2.64
C ASN A 689 -14.81 -12.76 4.08
N ARG A 690 -13.82 -12.57 4.94
CA ARG A 690 -14.06 -12.47 6.38
C ARG A 690 -14.10 -10.92 6.64
N ARG A 691 -13.38 -10.16 5.74
CA ARG A 691 -13.12 -8.71 5.61
C ARG A 691 -12.26 -8.50 4.32
N ILE A 692 -11.84 -9.62 3.69
CA ILE A 692 -10.99 -9.74 2.50
C ILE A 692 -11.48 -8.90 1.34
N GLY A 693 -12.73 -9.15 0.95
CA GLY A 693 -13.43 -8.48 -0.14
C GLY A 693 -13.27 -6.98 -0.11
N GLN A 694 -13.46 -6.37 1.08
CA GLN A 694 -13.34 -4.93 1.25
C GLN A 694 -11.96 -4.40 0.85
N PHE A 695 -10.88 -4.98 1.42
CA PHE A 695 -9.53 -4.58 1.07
C PHE A 695 -9.29 -4.84 -0.39
N LEU A 696 -9.68 -6.04 -0.91
CA LEU A 696 -9.56 -6.39 -2.32
C LEU A 696 -10.14 -5.25 -3.17
N PHE A 697 -11.41 -4.84 -2.85
CA PHE A 697 -12.17 -3.75 -3.47
C PHE A 697 -11.46 -2.40 -3.35
N TRP A 698 -11.01 -2.07 -2.12
CA TRP A 698 -10.40 -0.78 -1.87
C TRP A 698 -9.10 -0.61 -2.56
N HIS A 699 -8.26 -1.64 -2.51
CA HIS A 699 -6.95 -1.67 -3.13
C HIS A 699 -7.10 -1.54 -4.63
N LEU A 700 -8.18 -2.08 -5.18
CA LEU A 700 -8.40 -1.98 -6.60
C LEU A 700 -8.71 -0.52 -7.01
N ARG A 701 -9.81 0.16 -6.49
CA ARG A 701 -10.07 1.60 -6.79
C ARG A 701 -8.79 2.45 -6.66
N SER A 702 -8.04 2.27 -5.53
CA SER A 702 -6.81 3.03 -5.29
C SER A 702 -5.87 3.08 -6.48
N GLU A 703 -6.07 2.22 -7.51
CA GLU A 703 -5.25 2.18 -8.71
C GLU A 703 -5.97 2.25 -10.04
N VAL A 704 -7.30 2.03 -10.07
CA VAL A 704 -8.14 2.08 -11.29
C VAL A 704 -8.06 3.44 -11.99
N HIS A 705 -7.63 4.46 -11.24
CA HIS A 705 -7.44 5.81 -11.75
C HIS A 705 -6.24 5.87 -12.73
N THR A 706 -5.34 4.88 -12.68
CA THR A 706 -4.19 4.90 -13.56
C THR A 706 -4.34 4.05 -14.80
N PRO A 707 -4.21 4.73 -15.97
CA PRO A 707 -4.35 4.06 -17.28
C PRO A 707 -4.07 2.57 -17.47
N ALA A 708 -2.80 2.11 -17.29
CA ALA A 708 -2.40 0.70 -17.49
C ALA A 708 -3.23 -0.38 -16.73
N VAL A 709 -3.73 -0.04 -15.54
CA VAL A 709 -4.54 -0.92 -14.69
C VAL A 709 -6.05 -0.64 -14.76
N SER A 710 -6.45 0.51 -15.36
CA SER A 710 -7.85 0.96 -15.47
C SER A 710 -8.80 -0.08 -16.01
N VAL A 711 -8.39 -0.80 -17.05
CA VAL A 711 -9.21 -1.88 -17.61
C VAL A 711 -9.09 -3.11 -16.65
N GLN A 712 -7.83 -3.47 -16.28
CA GLN A 712 -7.46 -4.61 -15.43
C GLN A 712 -8.30 -4.68 -14.16
N PHE A 713 -8.06 -3.75 -13.22
CA PHE A 713 -8.73 -3.63 -11.93
C PHE A 713 -10.21 -3.35 -12.13
N GLY A 714 -10.52 -2.44 -13.05
CA GLY A 714 -11.88 -2.04 -13.38
C GLY A 714 -12.82 -3.21 -13.56
N VAL A 715 -12.44 -4.17 -14.43
CA VAL A 715 -13.20 -5.38 -14.76
C VAL A 715 -13.38 -6.27 -13.52
N ILE A 716 -12.25 -6.53 -12.80
CA ILE A 716 -12.15 -7.35 -11.60
C ILE A 716 -13.06 -6.78 -10.56
N LEU A 717 -12.98 -5.45 -10.40
CA LEU A 717 -13.80 -4.67 -9.48
C LEU A 717 -15.30 -4.94 -9.70
N GLU A 718 -15.81 -4.73 -10.94
CA GLU A 718 -17.21 -4.98 -11.24
C GLU A 718 -17.59 -6.41 -11.00
N ALA A 719 -16.66 -7.34 -11.28
CA ALA A 719 -16.86 -8.75 -11.10
C ALA A 719 -17.08 -9.05 -9.62
N TYR A 720 -16.46 -8.23 -8.73
CA TYR A 720 -16.67 -8.31 -7.29
C TYR A 720 -18.06 -7.71 -6.98
N CYS A 721 -18.27 -6.41 -7.26
CA CYS A 721 -19.53 -5.68 -7.07
C CYS A 721 -20.71 -6.54 -7.41
N ARG A 722 -20.57 -7.31 -8.48
CA ARG A 722 -21.58 -8.20 -9.02
C ARG A 722 -21.85 -9.37 -8.07
N GLY A 723 -20.80 -10.04 -7.61
CA GLY A 723 -20.97 -11.13 -6.64
C GLY A 723 -21.23 -10.61 -5.24
N SER A 724 -21.23 -9.29 -5.09
CA SER A 724 -21.42 -8.61 -3.83
C SER A 724 -22.60 -7.70 -3.92
N VAL A 725 -23.71 -8.18 -4.48
CA VAL A 725 -24.94 -7.38 -4.64
C VAL A 725 -25.48 -6.90 -3.28
N GLY A 726 -25.35 -7.76 -2.27
CA GLY A 726 -25.79 -7.47 -0.91
C GLY A 726 -25.05 -6.33 -0.24
N HIS A 727 -23.79 -6.60 0.19
CA HIS A 727 -22.88 -5.67 0.88
C HIS A 727 -22.68 -4.33 0.17
N MET A 728 -22.87 -4.29 -1.16
CA MET A 728 -22.69 -3.15 -2.07
C MET A 728 -22.99 -1.77 -1.49
N LYS A 729 -24.05 -1.72 -0.68
CA LYS A 729 -24.56 -0.53 0.01
C LYS A 729 -23.48 0.04 0.94
N VAL A 730 -22.89 -0.82 1.80
CA VAL A 730 -21.86 -0.45 2.75
C VAL A 730 -20.58 0.11 2.15
N LEU A 731 -20.18 -0.42 0.99
CA LEU A 731 -18.98 0.03 0.29
C LEU A 731 -19.17 1.44 -0.27
N SER A 732 -20.41 1.72 -0.76
CA SER A 732 -20.84 2.99 -1.29
C SER A 732 -20.96 4.03 -0.18
N LYS A 733 -21.54 3.62 0.98
CA LYS A 733 -21.73 4.42 2.19
C LYS A 733 -20.42 5.10 2.55
N GLN A 734 -19.32 4.33 2.36
CA GLN A 734 -17.92 4.68 2.60
C GLN A 734 -17.38 5.57 1.51
N VAL A 735 -17.64 5.20 0.24
CA VAL A 735 -17.14 5.99 -0.91
C VAL A 735 -17.65 7.41 -0.77
N GLU A 736 -18.98 7.57 -0.53
CA GLU A 736 -19.61 8.88 -0.29
C GLU A 736 -18.93 9.56 0.96
N ALA A 737 -18.74 8.78 2.07
CA ALA A 737 -18.12 9.20 3.34
C ALA A 737 -16.75 9.80 3.13
N LEU A 738 -15.97 9.21 2.20
CA LEU A 738 -14.63 9.65 1.84
C LEU A 738 -14.62 10.92 0.97
N ASN A 739 -15.54 11.02 0.00
CA ASN A 739 -15.63 12.18 -0.89
C ASN A 739 -15.93 13.44 -0.13
N LYS A 740 -16.87 13.33 0.84
CA LYS A 740 -17.30 14.39 1.77
C LYS A 740 -16.09 14.92 2.55
N LEU A 741 -15.19 13.99 2.93
CA LEU A 741 -13.96 14.29 3.64
C LEU A 741 -13.02 15.07 2.76
N LYS A 742 -12.79 14.58 1.51
CA LYS A 742 -11.90 15.20 0.52
C LYS A 742 -12.20 16.68 0.40
N THR A 743 -13.51 17.01 0.19
CA THR A 743 -14.03 18.38 0.06
C THR A 743 -13.84 19.20 1.34
N LEU A 744 -14.35 18.70 2.51
CA LEU A 744 -14.18 19.37 3.79
C LEU A 744 -12.72 19.73 3.98
N ASN A 745 -11.80 18.84 3.57
CA ASN A 745 -10.34 19.04 3.64
C ASN A 745 -9.92 20.16 2.69
N SER A 746 -10.50 20.15 1.45
CA SER A 746 -10.22 21.13 0.39
C SER A 746 -10.60 22.51 0.88
N LEU A 747 -11.75 22.60 1.57
CA LEU A 747 -12.25 23.82 2.22
C LEU A 747 -11.35 24.16 3.40
N ILE A 748 -10.86 23.15 4.16
CA ILE A 748 -9.97 23.34 5.30
C ILE A 748 -8.67 24.01 4.87
N LYS A 749 -8.11 23.60 3.70
CA LYS A 749 -6.90 24.17 3.10
C LYS A 749 -7.13 25.68 2.86
N LEU A 750 -8.22 26.02 2.13
CA LEU A 750 -8.65 27.38 1.81
C LEU A 750 -8.80 28.24 3.07
N ASN A 751 -9.58 27.74 4.06
CA ASN A 751 -9.82 28.38 5.36
C ASN A 751 -8.50 28.79 6.03
N ALA A 752 -7.60 27.82 6.29
CA ALA A 752 -6.28 27.98 6.92
C ALA A 752 -5.53 29.27 6.58
N VAL A 753 -5.71 29.77 5.34
CA VAL A 753 -5.11 31.01 4.86
C VAL A 753 -5.72 32.19 5.67
N LYS A 754 -6.99 32.53 5.35
CA LYS A 754 -7.71 33.64 5.98
C LYS A 754 -8.24 33.36 7.41
N LEU A 755 -8.07 32.12 7.92
CA LEU A 755 -8.56 31.67 9.24
C LEU A 755 -7.44 31.42 10.24
N SER A 756 -7.74 31.71 11.52
CA SER A 756 -6.84 31.47 12.65
C SER A 756 -6.89 29.98 12.94
N ARG A 757 -5.76 29.43 13.46
CA ARG A 757 -5.64 28.02 13.82
C ARG A 757 -6.88 27.56 14.57
N ALA A 758 -7.29 28.35 15.59
CA ALA A 758 -8.48 28.10 16.41
C ALA A 758 -9.82 28.50 15.76
N LYS A 759 -9.80 29.42 14.78
CA LYS A 759 -11.04 29.85 14.09
C LYS A 759 -11.43 28.85 13.00
N GLY A 760 -10.41 28.25 12.38
CA GLY A 760 -10.54 27.22 11.34
C GLY A 760 -11.01 25.90 11.91
N LYS A 761 -10.72 25.69 13.21
CA LYS A 761 -11.17 24.54 14.00
C LYS A 761 -12.67 24.66 14.09
N GLU A 762 -13.18 25.81 14.58
CA GLU A 762 -14.63 26.13 14.70
C GLU A 762 -15.32 25.90 13.35
N ALA A 763 -14.72 26.48 12.27
CA ALA A 763 -15.18 26.38 10.88
C ALA A 763 -15.42 24.93 10.53
N MET A 764 -14.42 24.06 10.82
CA MET A 764 -14.46 22.62 10.63
C MET A 764 -15.65 22.04 11.44
N HIS A 765 -15.72 22.38 12.74
CA HIS A 765 -16.76 21.90 13.65
C HIS A 765 -18.19 22.21 13.20
N THR A 766 -18.44 23.44 12.67
CA THR A 766 -19.77 23.83 12.21
C THR A 766 -20.15 23.02 10.96
N CYS A 767 -19.18 22.91 10.04
CA CYS A 767 -19.27 22.16 8.80
C CYS A 767 -19.66 20.69 9.07
N LEU A 768 -19.03 20.05 10.08
CA LEU A 768 -19.32 18.66 10.48
C LEU A 768 -20.75 18.53 11.02
N LYS A 769 -21.16 19.50 11.87
CA LYS A 769 -22.47 19.64 12.54
C LYS A 769 -23.65 19.79 11.52
N GLN A 770 -23.35 20.22 10.28
CA GLN A 770 -24.36 20.42 9.24
C GLN A 770 -24.97 19.15 8.66
N SER A 771 -26.25 19.22 8.29
CA SER A 771 -27.10 18.18 7.71
C SER A 771 -26.37 17.20 6.77
N ALA A 772 -25.59 17.73 5.82
CA ALA A 772 -24.86 16.97 4.79
C ALA A 772 -23.78 16.04 5.32
N TYR A 773 -22.94 16.55 6.23
CA TYR A 773 -21.81 15.85 6.86
C TYR A 773 -22.22 14.78 7.85
N ARG A 774 -22.74 15.19 9.04
CA ARG A 774 -23.26 14.32 10.10
C ARG A 774 -24.10 13.13 9.58
N GLU A 775 -24.53 13.17 8.31
CA GLU A 775 -25.29 12.09 7.70
C GLU A 775 -24.36 11.18 6.94
N ALA A 776 -23.56 11.78 6.04
CA ALA A 776 -22.65 11.09 5.13
C ALA A 776 -21.52 10.41 5.81
N LEU A 777 -20.61 11.19 6.45
CA LEU A 777 -19.45 10.65 7.15
C LEU A 777 -19.79 10.31 8.62
N SER A 778 -20.97 9.66 8.81
CA SER A 778 -21.38 9.21 10.12
C SER A 778 -22.31 8.04 10.02
N ASP A 779 -22.15 7.13 10.98
CA ASP A 779 -22.86 5.87 11.17
C ASP A 779 -22.83 4.89 10.02
N LEU A 780 -21.65 4.77 9.40
CA LEU A 780 -21.44 3.87 8.28
C LEU A 780 -19.95 3.47 8.21
N GLN A 781 -19.68 2.16 8.58
CA GLN A 781 -18.47 1.31 8.70
C GLN A 781 -17.07 1.78 8.24
N SER A 782 -16.07 1.79 9.17
CA SER A 782 -14.68 2.14 8.90
C SER A 782 -14.07 1.46 7.65
N PRO A 783 -13.53 2.22 6.66
CA PRO A 783 -12.86 1.56 5.52
C PRO A 783 -11.61 0.82 5.97
N LEU A 784 -10.82 1.41 6.92
CA LEU A 784 -9.63 0.76 7.50
C LEU A 784 -10.00 -0.61 8.05
N ASN A 785 -10.87 -0.66 9.09
CA ASN A 785 -11.30 -1.96 9.57
C ASN A 785 -12.74 -2.26 9.22
N PRO A 786 -12.94 -3.25 8.32
CA PRO A 786 -14.28 -3.66 7.89
C PRO A 786 -15.23 -4.11 9.00
N CYS A 787 -14.69 -4.59 10.13
CA CYS A 787 -15.51 -5.04 11.24
C CYS A 787 -15.89 -3.88 12.14
N VAL A 788 -14.93 -2.97 12.41
CA VAL A 788 -15.12 -1.76 13.22
C VAL A 788 -16.27 -0.91 12.72
N ILE A 789 -17.30 -0.70 13.57
CA ILE A 789 -18.44 0.17 13.25
C ILE A 789 -18.10 1.64 13.49
N LEU A 790 -18.63 2.56 12.67
CA LEU A 790 -18.22 3.90 12.96
C LEU A 790 -19.11 4.77 13.84
N SER A 791 -20.45 4.73 13.68
CA SER A 791 -21.39 5.49 14.55
C SER A 791 -21.13 7.03 14.79
N GLU A 792 -21.73 7.66 15.82
CA GLU A 792 -21.63 9.11 16.09
C GLU A 792 -20.23 9.71 16.24
N LEU A 793 -19.96 10.86 15.57
CA LEU A 793 -18.68 11.57 15.66
C LEU A 793 -18.67 12.39 16.94
N TYR A 794 -17.53 12.43 17.62
CA TYR A 794 -17.38 13.27 18.82
C TYR A 794 -16.80 14.57 18.27
N VAL A 795 -17.60 15.27 17.44
CA VAL A 795 -17.26 16.49 16.70
C VAL A 795 -16.28 17.36 17.44
N GLU A 796 -16.67 17.81 18.64
CA GLU A 796 -15.94 18.67 19.57
C GLU A 796 -14.44 18.29 19.72
N LYS A 797 -14.13 16.99 19.46
CA LYS A 797 -12.79 16.38 19.55
C LYS A 797 -12.12 16.15 18.20
N CYS A 798 -12.85 16.31 17.09
CA CYS A 798 -12.30 16.17 15.73
C CYS A 798 -11.49 17.39 15.42
N LYS A 799 -10.36 17.22 14.72
CA LYS A 799 -9.45 18.31 14.42
C LYS A 799 -8.80 18.12 13.03
N TYR A 800 -7.90 19.05 12.66
CA TYR A 800 -7.06 18.99 11.45
C TYR A 800 -5.61 19.29 11.86
N MET A 801 -4.65 18.60 11.24
CA MET A 801 -3.23 18.71 11.58
C MET A 801 -2.52 19.91 10.98
N ASP A 802 -1.46 20.36 11.68
CA ASP A 802 -0.59 21.50 11.33
C ASP A 802 0.07 21.39 9.93
N SER A 803 0.30 20.15 9.44
CA SER A 803 0.93 19.77 8.18
C SER A 803 0.43 20.53 6.94
N LYS A 804 1.26 20.50 5.89
CA LYS A 804 1.10 21.12 4.57
C LYS A 804 -0.19 20.68 3.84
N MET A 805 -0.73 19.50 4.21
CA MET A 805 -1.96 18.94 3.61
C MET A 805 -3.17 19.05 4.55
N LYS A 806 -2.94 19.62 5.78
CA LYS A 806 -3.89 19.80 6.91
C LYS A 806 -4.85 18.58 7.08
N PRO A 807 -4.29 17.37 7.37
CA PRO A 807 -5.15 16.19 7.48
C PRO A 807 -6.12 16.18 8.65
N LEU A 808 -7.33 15.70 8.39
CA LEU A 808 -8.39 15.62 9.37
C LEU A 808 -8.09 14.55 10.38
N TRP A 809 -8.57 14.74 11.59
CA TRP A 809 -8.40 13.84 12.72
C TRP A 809 -9.81 13.58 13.23
N LEU A 810 -10.44 12.50 12.76
CA LEU A 810 -11.81 12.18 13.16
C LEU A 810 -11.94 11.21 14.34
N VAL A 811 -12.73 11.61 15.32
CA VAL A 811 -12.95 10.86 16.55
C VAL A 811 -14.40 10.36 16.52
N TYR A 812 -14.60 9.03 16.65
CA TYR A 812 -15.92 8.41 16.61
C TYR A 812 -16.38 7.80 17.92
N SER A 813 -17.07 8.60 18.76
CA SER A 813 -17.65 8.11 20.01
C SER A 813 -18.54 6.92 19.64
N SER A 814 -18.06 5.69 19.92
CA SER A 814 -18.79 4.46 19.64
C SER A 814 -20.03 4.31 20.57
N ARG A 815 -20.88 5.37 20.55
CA ARG A 815 -22.13 5.60 21.27
C ARG A 815 -22.35 4.81 22.58
N ALA A 816 -23.30 3.84 22.56
CA ALA A 816 -23.73 3.05 23.71
C ALA A 816 -23.01 1.71 23.92
N PHE A 817 -22.93 0.87 22.88
CA PHE A 817 -22.37 -0.48 22.97
C PHE A 817 -20.83 -0.64 23.03
N GLY A 818 -20.12 -0.01 22.08
CA GLY A 818 -18.66 -0.02 22.03
C GLY A 818 -18.09 0.66 23.26
N GLU A 819 -17.16 -0.04 23.97
CA GLU A 819 -16.54 0.43 25.21
C GLU A 819 -15.90 1.85 25.14
N ASP A 820 -15.02 2.07 24.14
CA ASP A 820 -14.30 3.34 23.98
C ASP A 820 -14.49 3.99 22.58
N SER A 821 -13.77 5.09 22.31
CA SER A 821 -13.83 5.81 21.04
C SER A 821 -12.82 5.31 20.01
N VAL A 822 -13.16 5.45 18.70
CA VAL A 822 -12.31 5.15 17.54
C VAL A 822 -11.80 6.46 16.94
N GLY A 823 -10.64 6.47 16.30
CA GLY A 823 -10.04 7.68 15.77
C GLY A 823 -9.34 7.51 14.44
N VAL A 824 -9.83 8.18 13.42
CA VAL A 824 -9.26 8.07 12.09
C VAL A 824 -8.50 9.32 11.63
N ILE A 825 -7.56 9.14 10.70
CA ILE A 825 -6.85 10.25 10.10
C ILE A 825 -7.07 10.11 8.61
N PHE A 826 -7.64 11.14 7.99
CA PHE A 826 -7.84 11.14 6.55
C PHE A 826 -6.80 12.05 5.99
N LYS A 827 -6.00 11.53 5.08
CA LYS A 827 -4.98 12.37 4.50
C LYS A 827 -4.99 12.33 3.01
N ASN A 828 -5.34 13.48 2.43
CA ASN A 828 -5.34 13.66 0.99
C ASN A 828 -4.21 14.62 0.62
N GLY A 829 -3.45 14.26 -0.40
CA GLY A 829 -2.31 15.01 -0.89
C GLY A 829 -1.00 14.25 -0.83
N ASP A 830 -0.95 13.15 -0.04
CA ASP A 830 0.25 12.32 0.10
C ASP A 830 0.09 10.85 -0.33
N ASP A 831 1.18 10.24 -0.83
CA ASP A 831 1.21 8.84 -1.23
C ASP A 831 1.19 8.02 0.07
N LEU A 832 0.06 7.39 0.40
CA LEU A 832 -0.02 6.65 1.67
C LEU A 832 0.27 5.15 1.52
N ARG A 833 1.05 4.80 0.48
CA ARG A 833 1.39 3.43 0.12
C ARG A 833 2.69 2.89 0.71
N GLN A 834 3.68 3.76 0.91
CA GLN A 834 4.96 3.34 1.51
C GLN A 834 4.65 2.91 2.92
N ASP A 835 3.89 3.74 3.65
CA ASP A 835 3.44 3.46 5.01
C ASP A 835 2.69 2.17 4.97
N MET A 836 1.68 2.10 4.09
CA MET A 836 0.81 0.94 3.90
C MET A 836 1.58 -0.40 3.76
N LEU A 837 2.76 -0.37 3.11
CA LEU A 837 3.65 -1.50 2.89
C LEU A 837 4.60 -1.71 4.09
N THR A 838 5.35 -0.65 4.55
CA THR A 838 6.24 -0.70 5.73
C THR A 838 5.48 -1.08 7.04
N LEU A 839 4.18 -0.72 7.13
CA LEU A 839 3.38 -1.06 8.28
C LEU A 839 3.00 -2.51 8.18
N GLN A 840 2.74 -2.98 6.95
CA GLN A 840 2.44 -4.39 6.71
C GLN A 840 3.68 -5.28 6.98
N MET A 841 4.87 -4.73 6.67
CA MET A 841 6.17 -5.38 6.89
C MET A 841 6.40 -5.54 8.36
N LEU A 842 5.91 -4.56 9.14
CA LEU A 842 6.02 -4.50 10.59
C LEU A 842 5.10 -5.51 11.25
N ARG A 843 3.92 -5.67 10.64
CA ARG A 843 2.90 -6.63 11.07
C ARG A 843 3.47 -8.02 10.91
N LEU A 844 4.38 -8.18 9.93
CA LEU A 844 5.02 -9.44 9.65
C LEU A 844 6.05 -9.73 10.71
N MET A 845 6.93 -8.78 10.98
CA MET A 845 7.96 -8.95 12.00
C MET A 845 7.32 -9.36 13.33
N ASP A 846 6.21 -8.66 13.72
CA ASP A 846 5.41 -8.95 14.91
C ASP A 846 4.89 -10.37 14.83
N LEU A 847 4.45 -10.81 13.62
CA LEU A 847 3.99 -12.17 13.33
C LEU A 847 5.13 -13.16 13.64
N LEU A 848 6.26 -13.02 12.90
CA LEU A 848 7.46 -13.87 12.97
C LEU A 848 8.08 -14.03 14.37
N TRP A 849 8.14 -12.93 15.13
CA TRP A 849 8.70 -12.91 16.47
C TRP A 849 7.79 -13.65 17.41
N LYS A 850 6.48 -13.36 17.35
CA LYS A 850 5.49 -14.04 18.17
C LYS A 850 5.54 -15.53 17.84
N GLU A 851 5.72 -15.86 16.53
CA GLU A 851 5.82 -17.21 15.99
C GLU A 851 6.93 -17.95 16.70
N ALA A 852 8.18 -17.43 16.57
CA ALA A 852 9.38 -17.95 17.24
C ALA A 852 9.22 -17.97 18.77
N GLY A 853 8.44 -17.04 19.31
CA GLY A 853 8.16 -16.90 20.73
C GLY A 853 8.74 -15.61 21.23
N LEU A 854 8.11 -14.47 20.87
CA LEU A 854 8.56 -13.12 21.23
C LEU A 854 7.46 -12.06 21.06
N ASP A 855 6.72 -11.76 22.14
CA ASP A 855 5.75 -10.67 22.03
C ASP A 855 6.46 -9.42 22.50
N LEU A 856 6.93 -8.65 21.52
CA LEU A 856 7.62 -7.40 21.75
C LEU A 856 6.62 -6.23 21.83
N ARG A 857 5.29 -6.58 21.95
CA ARG A 857 4.18 -5.66 22.14
C ARG A 857 4.24 -4.49 21.13
N MET A 858 4.24 -4.85 19.85
CA MET A 858 4.35 -3.88 18.76
C MET A 858 3.01 -3.31 18.33
N LEU A 859 3.03 -2.12 17.69
CA LEU A 859 1.83 -1.46 17.19
C LEU A 859 1.90 -1.09 15.71
N PRO A 860 1.71 -2.03 14.77
CA PRO A 860 1.62 -1.62 13.37
C PRO A 860 0.14 -1.21 13.17
N TYR A 861 -0.18 0.07 13.51
CA TYR A 861 -1.54 0.64 13.44
C TYR A 861 -2.01 0.66 12.00
N GLY A 862 -3.31 0.51 11.78
CA GLY A 862 -3.93 0.46 10.46
C GLY A 862 -3.64 1.62 9.53
N CYS A 863 -3.48 1.32 8.22
CA CYS A 863 -3.19 2.28 7.14
C CYS A 863 -3.62 1.77 5.75
N LEU A 864 -4.45 2.55 5.05
CA LEU A 864 -4.98 2.22 3.74
C LEU A 864 -5.01 3.47 2.86
N ALA A 865 -4.33 3.39 1.70
CA ALA A 865 -4.34 4.43 0.68
C ALA A 865 -5.53 4.01 -0.20
N THR A 866 -6.56 4.90 -0.23
CA THR A 866 -7.85 4.68 -0.89
C THR A 866 -7.91 5.17 -2.34
N GLY A 867 -6.93 5.96 -2.73
CA GLY A 867 -6.86 6.44 -4.09
C GLY A 867 -5.56 7.13 -4.37
N ASP A 868 -5.61 8.08 -5.31
CA ASP A 868 -4.46 8.87 -5.72
C ASP A 868 -4.16 9.91 -4.64
N ARG A 869 -3.03 9.74 -3.99
CA ARG A 869 -2.58 10.60 -2.91
C ARG A 869 -3.62 10.84 -1.77
N SER A 870 -4.60 9.92 -1.63
CA SER A 870 -5.65 9.89 -0.62
C SER A 870 -5.54 8.62 0.27
N GLY A 871 -6.22 8.60 1.41
CA GLY A 871 -6.18 7.47 2.31
C GLY A 871 -6.34 7.75 3.79
N LEU A 872 -6.35 6.65 4.59
CA LEU A 872 -6.55 6.69 6.03
C LEU A 872 -5.46 6.06 6.87
N ILE A 873 -5.16 6.71 8.00
CA ILE A 873 -4.24 6.23 9.04
C ILE A 873 -5.16 6.05 10.24
N GLU A 874 -4.91 5.01 11.02
CA GLU A 874 -5.66 4.68 12.21
C GLU A 874 -5.02 5.33 13.43
N VAL A 875 -5.83 5.90 14.35
CA VAL A 875 -5.31 6.51 15.58
C VAL A 875 -5.19 5.54 16.74
N VAL A 876 -4.01 5.59 17.36
CA VAL A 876 -3.74 4.81 18.54
C VAL A 876 -3.97 5.67 19.78
N SER A 877 -4.90 5.15 20.55
CA SER A 877 -5.46 5.64 21.78
C SER A 877 -4.42 5.81 22.86
N THR A 878 -4.44 6.98 23.50
CA THR A 878 -3.58 7.42 24.62
C THR A 878 -2.13 7.46 24.23
N SER A 879 -1.81 7.98 23.04
CA SER A 879 -0.42 8.02 22.57
C SER A 879 0.16 9.42 22.59
N GLU A 880 1.49 9.56 22.35
CA GLU A 880 2.17 10.86 22.36
C GLU A 880 3.58 10.88 21.75
N THR A 881 3.87 11.92 20.94
CA THR A 881 5.16 12.13 20.28
C THR A 881 6.21 12.44 21.35
N ILE A 882 7.40 11.80 21.31
CA ILE A 882 8.43 12.03 22.34
C ILE A 882 8.90 13.47 22.44
N ALA A 883 8.73 14.24 21.36
CA ALA A 883 9.04 15.66 21.38
C ALA A 883 7.98 16.29 22.30
N ASP A 884 6.69 15.95 22.04
CA ASP A 884 5.53 16.42 22.81
C ASP A 884 5.71 16.09 24.28
N ILE A 885 6.07 14.84 24.60
CA ILE A 885 6.26 14.43 25.98
C ILE A 885 7.32 15.32 26.67
N GLN A 886 8.48 15.49 26.01
CA GLN A 886 9.61 16.27 26.51
C GLN A 886 9.30 17.75 26.81
N LEU A 887 8.93 18.57 25.79
CA LEU A 887 8.58 19.97 26.06
C LEU A 887 7.22 19.97 26.77
N ASN A 888 6.85 21.05 27.46
CA ASN A 888 5.63 21.13 28.28
C ASN A 888 5.64 20.10 29.45
N SER A 889 6.75 20.16 30.22
CA SER A 889 7.06 19.35 31.40
C SER A 889 8.09 20.10 32.24
N SER A 890 8.00 20.00 33.58
CA SER A 890 8.98 20.65 34.47
C SER A 890 10.25 19.79 34.54
N ASN A 891 11.19 20.05 33.60
CA ASN A 891 12.49 19.36 33.41
C ASN A 891 13.44 19.43 34.62
N VAL A 892 13.27 18.49 35.58
CA VAL A 892 13.97 18.40 36.87
C VAL A 892 13.88 19.73 37.69
N ALA A 893 12.61 20.24 37.81
CA ALA A 893 12.15 21.49 38.40
C ALA A 893 12.45 22.67 37.43
N ALA A 894 12.42 22.37 36.10
CA ALA A 894 12.72 23.22 34.94
C ALA A 894 14.16 23.82 34.95
N THR A 895 15.07 23.24 35.80
CA THR A 895 16.46 23.68 36.04
C THR A 895 17.51 23.16 35.04
N ALA A 896 17.59 21.83 34.84
CA ALA A 896 18.58 21.18 33.96
C ALA A 896 17.98 20.17 32.95
N ALA A 897 18.77 19.82 31.89
CA ALA A 897 18.48 18.89 30.78
C ALA A 897 17.01 18.56 30.53
N PHE A 898 16.35 19.41 29.71
CA PHE A 898 14.94 19.37 29.32
C PHE A 898 14.39 18.01 28.84
N ASN A 899 15.31 17.09 28.52
CA ASN A 899 15.07 15.78 27.97
C ASN A 899 14.93 14.63 29.00
N LYS A 900 15.97 14.45 29.86
CA LYS A 900 16.07 13.37 30.86
C LYS A 900 14.83 13.19 31.70
N ASP A 901 14.41 11.92 31.89
CA ASP A 901 13.26 11.45 32.67
C ASP A 901 11.87 12.06 32.37
N ALA A 902 11.73 12.88 31.31
CA ALA A 902 10.44 13.47 30.92
C ALA A 902 9.52 12.34 30.54
N LEU A 903 10.05 11.44 29.71
CA LEU A 903 9.51 10.22 29.14
C LEU A 903 9.24 9.19 30.22
N LEU A 904 10.02 9.25 31.31
CA LEU A 904 9.88 8.34 32.44
C LEU A 904 8.74 8.80 33.31
N ASN A 905 8.80 10.06 33.81
CA ASN A 905 7.75 10.68 34.63
C ASN A 905 6.41 10.57 33.94
N TRP A 906 6.39 10.70 32.57
CA TRP A 906 5.21 10.55 31.72
C TRP A 906 4.56 9.23 32.08
N LEU A 907 5.31 8.13 31.95
CA LEU A 907 4.82 6.79 32.25
C LEU A 907 4.39 6.67 33.71
N LYS A 908 5.23 7.19 34.65
CA LYS A 908 4.99 7.22 36.11
C LYS A 908 3.62 7.84 36.44
N GLU A 909 3.25 8.89 35.67
CA GLU A 909 2.00 9.62 35.79
C GLU A 909 0.81 8.68 35.55
N TYR A 910 0.92 7.81 34.53
CA TYR A 910 -0.19 6.94 34.16
C TYR A 910 -0.05 5.46 34.61
N ASN A 911 1.01 5.15 35.39
CA ASN A 911 1.21 3.79 35.88
C ASN A 911 1.55 3.71 37.38
N SER A 912 0.64 3.10 38.14
CA SER A 912 0.70 3.01 39.59
C SER A 912 1.31 1.74 40.09
N GLY A 913 2.42 1.91 40.80
CA GLY A 913 3.15 0.80 41.39
C GLY A 913 3.31 -0.40 40.47
N ASP A 914 2.42 -1.41 40.65
CA ASP A 914 2.45 -2.64 39.87
C ASP A 914 2.45 -2.36 38.38
N ASP A 915 1.66 -1.36 37.97
CA ASP A 915 1.50 -0.92 36.60
C ASP A 915 2.80 -0.38 36.03
N LEU A 916 3.60 0.33 36.84
CA LEU A 916 4.86 0.87 36.37
C LEU A 916 5.83 -0.18 35.83
N ASP A 917 5.84 -1.38 36.44
CA ASP A 917 6.72 -2.47 35.99
C ASP A 917 6.34 -2.92 34.58
N ARG A 918 5.05 -3.25 34.37
CA ARG A 918 4.58 -3.66 33.05
C ARG A 918 4.86 -2.56 32.06
N ALA A 919 4.57 -1.30 32.44
CA ALA A 919 4.79 -0.14 31.58
C ALA A 919 6.20 -0.09 31.03
N ILE A 920 7.19 -0.19 31.93
CA ILE A 920 8.60 -0.17 31.55
C ILE A 920 8.94 -1.46 30.85
N GLU A 921 8.28 -2.59 31.22
CA GLU A 921 8.51 -3.88 30.56
C GLU A 921 8.09 -3.81 29.09
N GLU A 922 6.83 -3.32 28.84
CA GLU A 922 6.24 -3.08 27.52
C GLU A 922 7.04 -2.03 26.76
N PHE A 923 7.58 -1.02 27.47
CA PHE A 923 8.46 -0.03 26.83
C PHE A 923 9.68 -0.72 26.20
N THR A 924 10.43 -1.48 27.03
CA THR A 924 11.67 -2.19 26.64
C THR A 924 11.51 -2.99 25.34
N LEU A 925 10.75 -4.10 25.38
CA LEU A 925 10.62 -4.94 24.21
C LEU A 925 10.03 -4.27 22.96
N SER A 926 9.08 -3.32 23.16
CA SER A 926 8.53 -2.54 22.05
C SER A 926 9.65 -1.69 21.44
N CYS A 927 10.51 -1.10 22.32
CA CYS A 927 11.63 -0.31 21.86
C CYS A 927 12.58 -1.21 21.10
N ALA A 928 12.96 -2.34 21.71
CA ALA A 928 13.82 -3.38 21.14
C ALA A 928 13.31 -3.79 19.78
N GLY A 929 12.04 -4.23 19.73
CA GLY A 929 11.32 -4.62 18.52
C GLY A 929 11.40 -3.56 17.43
N TYR A 930 11.23 -2.28 17.80
CA TYR A 930 11.30 -1.19 16.83
C TYR A 930 12.71 -0.90 16.37
N CYS A 931 13.69 -0.91 17.31
CA CYS A 931 15.11 -0.69 17.05
C CYS A 931 15.67 -1.59 15.94
N VAL A 932 15.31 -2.89 16.00
CA VAL A 932 15.71 -3.93 15.05
C VAL A 932 14.98 -3.64 13.72
N ALA A 933 13.62 -3.76 13.74
CA ALA A 933 12.68 -3.58 12.63
C ALA A 933 12.93 -2.32 11.83
N SER A 934 13.45 -1.26 12.46
CA SER A 934 13.74 0.02 11.82
C SER A 934 14.95 -0.16 10.93
N TYR A 935 16.08 -0.59 11.55
CA TYR A 935 17.38 -0.81 10.94
C TYR A 935 17.28 -1.79 9.77
N VAL A 936 16.63 -2.94 10.03
CA VAL A 936 16.41 -4.06 9.12
C VAL A 936 15.72 -3.59 7.84
N LEU A 937 14.63 -2.80 8.01
CA LEU A 937 13.84 -2.22 6.92
C LEU A 937 14.44 -0.91 6.43
N GLY A 938 15.55 -0.49 7.04
CA GLY A 938 16.28 0.71 6.66
C GLY A 938 15.42 1.95 6.56
N ILE A 939 14.60 2.17 7.61
CA ILE A 939 13.71 3.31 7.79
C ILE A 939 14.63 4.41 8.27
N GLY A 940 14.73 5.47 7.49
CA GLY A 940 15.61 6.58 7.83
C GLY A 940 14.90 7.76 8.46
N ASP A 941 15.69 8.85 8.67
CA ASP A 941 15.32 10.17 9.24
C ASP A 941 14.21 10.15 10.26
N ARG A 942 14.43 9.34 11.29
CA ARG A 942 13.54 9.17 12.43
C ARG A 942 14.04 10.16 13.47
N HIS A 943 13.12 10.92 14.05
CA HIS A 943 13.37 11.96 15.06
C HIS A 943 12.28 11.86 16.15
N SER A 944 12.47 12.48 17.35
CA SER A 944 11.48 12.46 18.46
C SER A 944 10.06 12.95 18.08
N ASP A 945 9.95 13.53 16.87
CA ASP A 945 8.73 14.00 16.23
C ASP A 945 8.04 12.83 15.55
N ASN A 946 8.79 11.76 15.21
CA ASN A 946 8.15 10.59 14.61
C ASN A 946 8.20 9.28 15.43
N ILE A 947 8.76 9.33 16.63
CA ILE A 947 8.73 8.20 17.56
C ILE A 947 7.63 8.55 18.61
N MET A 948 6.81 7.55 18.94
CA MET A 948 5.70 7.75 19.86
C MET A 948 5.57 6.76 21.02
N VAL A 949 4.88 7.19 22.08
CA VAL A 949 4.67 6.38 23.28
C VAL A 949 3.23 6.43 23.76
N LYS A 950 2.58 5.26 23.81
CA LYS A 950 1.24 5.06 24.36
C LYS A 950 1.32 5.20 25.93
N LYS A 951 0.19 5.34 26.62
CA LYS A 951 0.13 5.42 28.09
C LYS A 951 0.22 4.01 28.73
N THR A 952 0.49 2.97 27.90
CA THR A 952 0.68 1.58 28.35
C THR A 952 2.17 1.32 28.45
N GLY A 953 2.95 2.29 27.93
CA GLY A 953 4.41 2.25 27.89
C GLY A 953 4.91 1.87 26.52
N GLN A 954 4.02 1.32 25.68
CA GLN A 954 4.33 0.89 24.34
C GLN A 954 4.95 2.01 23.50
N LEU A 955 6.06 1.70 22.77
CA LEU A 955 6.77 2.59 21.83
C LEU A 955 6.43 2.20 20.34
N PHE A 956 6.45 3.18 19.39
CA PHE A 956 6.13 2.96 17.97
C PHE A 956 6.51 4.11 17.03
N HIS A 957 6.69 3.76 15.75
CA HIS A 957 7.08 4.68 14.67
C HIS A 957 5.91 5.18 13.79
N ILE A 958 6.09 6.36 13.10
CA ILE A 958 4.98 7.06 12.44
C ILE A 958 5.07 7.70 10.99
N ASP A 959 6.21 8.31 10.61
CA ASP A 959 6.28 8.97 9.29
C ASP A 959 7.19 8.23 8.30
N PHE A 960 6.62 7.24 7.62
CA PHE A 960 7.39 6.38 6.70
C PHE A 960 7.68 6.89 5.29
N GLY A 961 8.22 8.11 5.22
CA GLY A 961 8.61 8.79 4.00
C GLY A 961 9.53 7.98 3.11
N HIS A 962 10.53 7.33 3.72
CA HIS A 962 11.46 6.49 2.97
C HIS A 962 11.89 5.27 3.72
N ILE A 963 12.10 4.19 2.96
CA ILE A 963 12.55 2.89 3.42
C ILE A 963 13.63 2.33 2.50
N LEU A 964 14.41 1.34 3.00
CA LEU A 964 15.47 0.65 2.26
C LEU A 964 16.50 1.60 1.63
N GLY A 965 16.77 2.72 2.30
CA GLY A 965 17.69 3.75 1.83
C GLY A 965 17.36 5.09 2.45
N ASN A 966 18.23 6.10 2.22
CA ASN A 966 18.04 7.43 2.81
C ASN A 966 16.92 8.28 2.20
N PHE A 967 16.31 9.14 3.04
CA PHE A 967 15.25 10.03 2.57
C PHE A 967 15.77 11.32 1.97
N LYS A 968 15.50 11.48 0.67
CA LYS A 968 15.80 12.62 -0.18
C LYS A 968 14.54 12.86 -1.02
N SER A 969 14.06 14.12 -1.12
CA SER A 969 12.84 14.47 -1.86
C SER A 969 12.92 14.10 -3.34
N LYS A 970 11.77 13.71 -3.94
CA LYS A 970 11.58 13.29 -5.34
C LYS A 970 12.52 13.95 -6.39
N PHE A 971 12.83 15.27 -6.24
CA PHE A 971 13.73 16.00 -7.13
C PHE A 971 15.13 15.38 -7.15
N GLY A 972 15.69 15.11 -5.98
CA GLY A 972 17.01 14.51 -5.84
C GLY A 972 17.04 13.26 -5.00
N ILE A 973 16.23 12.24 -5.37
CA ILE A 973 16.12 10.94 -4.69
C ILE A 973 17.43 10.11 -4.69
N LYS A 974 18.05 9.93 -3.50
CA LYS A 974 19.29 9.17 -3.33
C LYS A 974 19.28 8.19 -2.15
N ARG A 975 20.27 7.28 -2.09
CA ARG A 975 20.36 6.19 -1.11
C ARG A 975 21.55 6.34 -0.15
N GLU A 976 21.43 5.73 1.06
CA GLU A 976 22.42 5.68 2.15
C GLU A 976 22.04 4.58 3.16
N ARG A 977 23.06 3.88 3.71
CA ARG A 977 22.89 2.83 4.73
C ARG A 977 22.34 3.48 6.02
N VAL A 978 21.26 2.91 6.59
CA VAL A 978 20.69 3.41 7.84
C VAL A 978 21.34 2.61 8.96
N PRO A 979 22.19 3.27 9.80
CA PRO A 979 22.83 2.53 10.89
C PRO A 979 21.85 2.18 11.99
N PHE A 980 22.21 1.24 12.86
CA PHE A 980 21.38 0.96 14.01
C PHE A 980 21.48 2.21 14.93
N ILE A 981 20.33 2.66 15.46
CA ILE A 981 20.28 3.85 16.32
C ILE A 981 19.58 3.54 17.63
N LEU A 982 20.11 4.12 18.70
CA LEU A 982 19.57 4.09 20.04
C LEU A 982 19.65 5.49 20.63
N THR A 983 18.58 5.93 21.29
CA THR A 983 18.60 7.20 22.01
C THR A 983 18.85 6.99 23.50
N TYR A 984 19.45 8.01 24.11
CA TYR A 984 19.72 8.02 25.53
C TYR A 984 18.37 7.82 26.27
N ASP A 985 17.32 8.49 25.72
CA ASP A 985 15.96 8.51 26.24
C ASP A 985 15.33 7.15 26.43
N PHE A 986 15.66 6.17 25.57
CA PHE A 986 15.18 4.80 25.74
C PHE A 986 15.90 4.15 26.92
N ILE A 987 17.26 4.16 26.90
CA ILE A 987 18.09 3.56 27.94
C ILE A 987 17.65 4.09 29.28
N HIS A 988 17.63 5.42 29.45
CA HIS A 988 17.22 6.09 30.68
C HIS A 988 15.96 5.56 31.36
N VAL A 989 14.94 5.18 30.55
CA VAL A 989 13.65 4.61 30.95
C VAL A 989 13.87 3.14 31.34
N ILE A 990 14.56 2.35 30.46
CA ILE A 990 14.89 0.93 30.67
C ILE A 990 15.60 0.81 32.00
N GLN A 991 16.62 1.66 32.18
CA GLN A 991 17.44 1.82 33.36
C GLN A 991 16.55 2.21 34.56
N GLN A 992 15.64 3.18 34.34
CA GLN A 992 14.77 3.86 35.32
C GLN A 992 15.59 5.06 35.87
N GLY A 993 16.81 5.18 35.35
CA GLY A 993 17.82 6.15 35.77
C GLY A 993 18.81 5.49 36.71
N LYS A 994 18.47 4.25 37.14
CA LYS A 994 19.23 3.41 38.07
C LYS A 994 20.66 3.09 37.61
N THR A 995 21.58 4.00 38.00
CA THR A 995 23.03 4.08 37.81
C THR A 995 23.83 2.79 37.45
N GLY A 996 23.38 1.64 38.00
CA GLY A 996 23.99 0.34 37.75
C GLY A 996 23.01 -0.81 37.78
N ASN A 997 23.12 -1.72 36.77
CA ASN A 997 22.29 -2.93 36.59
C ASN A 997 22.96 -3.82 35.52
N THR A 998 22.30 -4.92 35.12
CA THR A 998 22.70 -5.88 34.08
C THR A 998 21.54 -6.89 33.78
N GLU A 999 20.30 -6.53 34.19
CA GLU A 999 19.10 -7.34 33.98
C GLU A 999 18.01 -6.69 33.12
N LYS A 1000 17.94 -5.34 33.08
CA LYS A 1000 16.92 -4.66 32.25
C LYS A 1000 17.52 -4.19 30.93
N PHE A 1001 18.69 -3.48 30.97
CA PHE A 1001 19.39 -3.05 29.75
C PHE A 1001 20.15 -4.19 29.11
N GLY A 1002 19.95 -5.37 29.71
CA GLY A 1002 20.47 -6.67 29.32
C GLY A 1002 19.36 -7.51 28.74
N ARG A 1003 18.14 -7.36 29.30
CA ARG A 1003 16.91 -7.99 28.80
C ARG A 1003 16.64 -7.41 27.40
N PHE A 1004 16.91 -6.09 27.27
CA PHE A 1004 16.76 -5.30 26.06
C PHE A 1004 17.66 -5.86 24.97
N ARG A 1005 18.97 -5.89 25.25
CA ARG A 1005 20.00 -6.40 24.35
C ARG A 1005 19.67 -7.83 23.99
N GLN A 1006 19.16 -8.65 24.94
CA GLN A 1006 18.82 -10.04 24.64
C GLN A 1006 17.78 -10.06 23.55
N CYS A 1007 16.63 -9.42 23.79
CA CYS A 1007 15.55 -9.24 22.83
C CYS A 1007 16.07 -8.74 21.50
N CYS A 1008 16.81 -7.60 21.50
CA CYS A 1008 17.43 -7.00 20.31
C CYS A 1008 18.14 -8.02 19.45
N GLU A 1009 19.00 -8.86 20.08
CA GLU A 1009 19.77 -9.94 19.46
C GLU A 1009 18.82 -11.03 18.97
N ASP A 1010 18.04 -11.63 19.87
CA ASP A 1010 17.05 -12.65 19.55
C ASP A 1010 16.22 -12.25 18.30
N ALA A 1011 15.59 -11.05 18.32
CA ALA A 1011 14.77 -10.51 17.24
C ALA A 1011 15.53 -10.49 15.96
N TYR A 1012 16.69 -9.81 15.94
CA TYR A 1012 17.52 -9.71 14.73
C TYR A 1012 17.78 -11.05 14.13
N LEU A 1013 17.94 -12.08 14.97
CA LEU A 1013 18.19 -13.46 14.54
C LEU A 1013 16.98 -14.12 13.91
N ILE A 1014 15.79 -13.84 14.45
CA ILE A 1014 14.54 -14.40 13.95
C ILE A 1014 14.26 -13.92 12.53
N LEU A 1015 14.42 -12.62 12.31
CA LEU A 1015 14.20 -12.02 10.99
C LEU A 1015 15.10 -12.65 9.91
N ARG A 1016 16.40 -12.86 10.26
CA ARG A 1016 17.42 -13.48 9.42
C ARG A 1016 16.92 -14.78 8.81
N ARG A 1017 16.28 -15.62 9.63
CA ARG A 1017 15.74 -16.93 9.25
C ARG A 1017 14.70 -16.84 8.15
N HIS A 1018 13.82 -15.82 8.22
CA HIS A 1018 12.78 -15.60 7.22
C HIS A 1018 13.18 -14.47 6.31
N GLY A 1019 14.48 -14.30 6.09
CA GLY A 1019 15.01 -13.26 5.21
C GLY A 1019 14.53 -13.37 3.77
N ASN A 1020 14.25 -14.61 3.34
CA ASN A 1020 13.77 -14.88 2.01
C ASN A 1020 12.34 -14.37 1.84
N LEU A 1021 11.52 -14.52 2.90
CA LEU A 1021 10.14 -14.03 2.94
C LEU A 1021 10.10 -12.53 2.72
N PHE A 1022 11.06 -11.79 3.30
CA PHE A 1022 11.15 -10.34 3.13
C PHE A 1022 11.53 -10.00 1.72
N ILE A 1023 12.59 -10.63 1.20
CA ILE A 1023 13.06 -10.37 -0.16
C ILE A 1023 12.03 -10.77 -1.20
N THR A 1024 11.18 -11.79 -0.93
CA THR A 1024 10.14 -12.18 -1.89
C THR A 1024 9.01 -11.13 -1.99
N LEU A 1025 8.53 -10.63 -0.86
CA LEU A 1025 7.47 -9.63 -0.76
C LEU A 1025 7.91 -8.33 -1.36
N PHE A 1026 9.09 -7.84 -0.97
CA PHE A 1026 9.65 -6.63 -1.59
C PHE A 1026 9.90 -6.79 -3.08
N ALA A 1027 10.04 -8.04 -3.55
CA ALA A 1027 10.24 -8.31 -4.97
C ALA A 1027 8.93 -8.30 -5.70
N LEU A 1028 7.84 -8.77 -5.08
CA LEU A 1028 6.51 -8.75 -5.71
C LEU A 1028 5.95 -7.31 -5.73
N MET A 1029 6.52 -6.44 -4.89
CA MET A 1029 6.12 -5.06 -4.74
C MET A 1029 6.82 -4.12 -5.71
N LEU A 1030 7.48 -4.69 -6.72
CA LEU A 1030 8.15 -3.88 -7.74
C LEU A 1030 7.10 -3.32 -8.69
N THR A 1031 6.12 -4.18 -9.12
CA THR A 1031 5.01 -3.83 -10.03
C THR A 1031 4.20 -2.64 -9.53
N ALA A 1032 3.82 -2.64 -8.22
CA ALA A 1032 3.07 -1.60 -7.49
C ALA A 1032 3.49 -0.17 -7.86
N GLY A 1033 4.76 -0.02 -8.17
CA GLY A 1033 5.34 1.24 -8.59
C GLY A 1033 5.58 2.19 -7.44
N LEU A 1034 6.53 1.85 -6.57
CA LEU A 1034 6.85 2.73 -5.46
C LEU A 1034 8.08 3.56 -5.81
N PRO A 1035 8.16 4.87 -5.43
CA PRO A 1035 9.34 5.69 -5.79
C PRO A 1035 10.65 5.07 -5.35
N GLU A 1036 10.62 4.34 -4.23
CA GLU A 1036 11.75 3.59 -3.67
C GLU A 1036 11.90 2.32 -4.55
N LEU A 1037 11.05 1.29 -4.37
CA LEU A 1037 11.10 0.06 -5.15
C LEU A 1037 10.93 0.27 -6.64
N THR A 1038 12.08 0.48 -7.30
CA THR A 1038 12.25 0.72 -8.74
C THR A 1038 12.93 -0.49 -9.42
N SER A 1039 13.87 -1.13 -8.70
CA SER A 1039 14.64 -2.27 -9.20
C SER A 1039 14.99 -3.28 -8.10
N VAL A 1040 15.60 -4.41 -8.51
CA VAL A 1040 16.05 -5.48 -7.64
C VAL A 1040 17.30 -5.02 -6.86
N LYS A 1041 17.89 -3.88 -7.31
CA LYS A 1041 19.04 -3.22 -6.66
C LYS A 1041 18.55 -2.66 -5.34
N ASP A 1042 17.24 -2.34 -5.29
CA ASP A 1042 16.60 -1.81 -4.10
C ASP A 1042 16.43 -2.91 -3.01
N ILE A 1043 15.84 -4.08 -3.36
CA ILE A 1043 15.65 -5.23 -2.45
C ILE A 1043 16.99 -5.74 -1.91
N GLN A 1044 18.05 -5.51 -2.67
CA GLN A 1044 19.41 -5.86 -2.34
C GLN A 1044 19.87 -5.26 -0.98
N TYR A 1045 19.19 -4.19 -0.49
CA TYR A 1045 19.46 -3.52 0.79
C TYR A 1045 19.26 -4.49 1.96
N LEU A 1046 18.17 -5.25 1.91
CA LEU A 1046 17.81 -6.25 2.90
C LEU A 1046 18.93 -7.28 3.17
N LYS A 1047 19.51 -7.87 2.08
CA LYS A 1047 20.59 -8.86 2.12
C LYS A 1047 21.71 -8.41 3.04
N ASP A 1048 22.01 -7.10 2.98
CA ASP A 1048 23.03 -6.45 3.75
C ASP A 1048 22.58 -6.21 5.17
N SER A 1049 21.43 -5.53 5.35
CA SER A 1049 20.85 -5.24 6.66
C SER A 1049 20.76 -6.51 7.52
N LEU A 1050 20.29 -7.61 6.91
CA LEU A 1050 20.12 -8.92 7.55
C LEU A 1050 21.37 -9.80 7.58
N ALA A 1051 22.48 -9.36 6.92
CA ALA A 1051 23.77 -10.10 6.83
C ALA A 1051 23.53 -11.55 6.38
N LEU A 1052 22.84 -11.66 5.24
CA LEU A 1052 22.35 -12.90 4.66
C LEU A 1052 23.35 -13.94 4.15
N GLY A 1053 24.57 -13.52 3.86
CA GLY A 1053 25.64 -14.46 3.50
C GLY A 1053 26.20 -15.15 4.75
N LYS A 1054 26.79 -14.33 5.67
CA LYS A 1054 27.40 -14.67 6.97
C LYS A 1054 26.51 -15.58 7.81
N SER A 1055 27.12 -16.45 8.64
CA SER A 1055 26.32 -17.36 9.47
C SER A 1055 25.82 -16.66 10.69
N GLU A 1056 24.73 -17.20 11.29
CA GLU A 1056 24.06 -16.72 12.50
C GLU A 1056 24.99 -16.03 13.50
N GLU A 1057 26.08 -16.73 13.95
CA GLU A 1057 27.04 -16.21 14.94
C GLU A 1057 28.12 -15.29 14.37
N GLU A 1058 28.40 -15.39 13.05
CA GLU A 1058 29.35 -14.51 12.33
C GLU A 1058 28.66 -13.16 12.13
N ALA A 1059 27.30 -13.22 11.93
CA ALA A 1059 26.35 -12.12 11.71
C ALA A 1059 25.80 -11.51 13.02
N LEU A 1060 25.68 -12.33 14.09
CA LEU A 1060 25.26 -11.87 15.42
C LEU A 1060 26.35 -10.96 15.93
N LYS A 1061 27.63 -11.38 15.79
CA LYS A 1061 28.84 -10.65 16.21
C LYS A 1061 28.87 -9.26 15.58
N GLN A 1062 28.56 -9.18 14.27
CA GLN A 1062 28.49 -7.93 13.51
C GLN A 1062 27.49 -6.95 14.20
N PHE A 1063 26.26 -7.43 14.42
CA PHE A 1063 25.18 -6.65 15.02
C PHE A 1063 25.48 -6.36 16.50
N LYS A 1064 26.15 -7.31 17.20
CA LYS A 1064 26.50 -7.15 18.61
C LYS A 1064 27.40 -5.94 18.77
N GLN A 1065 28.22 -5.70 17.72
CA GLN A 1065 29.12 -4.56 17.59
C GLN A 1065 28.29 -3.31 17.26
N LYS A 1066 27.45 -3.35 16.18
CA LYS A 1066 26.54 -2.26 15.76
C LYS A 1066 25.74 -1.69 16.95
N PHE A 1067 25.14 -2.59 17.78
CA PHE A 1067 24.36 -2.26 18.97
C PHE A 1067 25.19 -1.47 20.01
N ASP A 1068 26.45 -1.90 20.27
CA ASP A 1068 27.38 -1.28 21.22
C ASP A 1068 27.83 0.09 20.72
N GLU A 1069 28.03 0.20 19.41
CA GLU A 1069 28.43 1.42 18.73
C GLU A 1069 27.33 2.49 18.82
N ALA A 1070 26.06 2.06 18.96
CA ALA A 1070 24.92 2.96 19.13
C ALA A 1070 24.87 3.43 20.57
N LEU A 1071 25.32 2.57 21.51
CA LEU A 1071 25.37 2.93 22.92
C LEU A 1071 26.46 3.96 23.11
N ARG A 1072 27.41 4.00 22.17
CA ARG A 1072 28.49 4.97 22.14
C ARG A 1072 27.90 6.32 21.68
N GLU A 1073 27.01 6.29 20.66
CA GLU A 1073 26.35 7.50 20.10
C GLU A 1073 24.93 7.69 20.68
N SER A 1074 24.74 7.27 21.92
CA SER A 1074 23.46 7.30 22.64
C SER A 1074 22.96 8.70 22.94
N TRP A 1075 23.88 9.63 23.27
CA TRP A 1075 23.57 11.03 23.54
C TRP A 1075 23.75 11.79 22.26
N THR A 1076 24.74 11.35 21.45
CA THR A 1076 25.04 11.94 20.14
C THR A 1076 23.78 11.86 19.26
N THR A 1077 23.13 10.68 19.17
CA THR A 1077 21.87 10.58 18.43
C THR A 1077 20.75 11.32 19.16
N LYS A 1078 20.69 11.22 20.51
CA LYS A 1078 19.70 11.93 21.33
C LYS A 1078 19.68 13.41 20.96
N VAL A 1079 20.86 14.01 20.70
CA VAL A 1079 21.00 15.39 20.26
C VAL A 1079 20.35 15.60 18.86
N ASN A 1080 20.70 14.77 17.87
CA ASN A 1080 20.16 14.80 16.50
C ASN A 1080 18.64 14.68 16.41
N TRP A 1081 17.98 14.16 17.46
CA TRP A 1081 16.54 13.93 17.52
C TRP A 1081 15.71 15.19 17.68
N MET A 1082 16.22 16.22 18.42
CA MET A 1082 15.48 17.49 18.66
C MET A 1082 16.30 18.76 18.98
N ALA A 1083 17.62 18.79 18.69
CA ALA A 1083 18.46 19.98 18.95
C ALA A 1083 18.09 21.16 18.03
N HIS A 1084 18.17 20.92 16.70
CA HIS A 1084 17.84 21.85 15.61
C HIS A 1084 16.37 21.56 15.23
N THR A 1085 15.99 20.26 15.28
CA THR A 1085 14.67 19.70 14.98
C THR A 1085 13.61 20.16 15.99
N LYS B 21 38.34 14.18 -24.85
CA LYS B 21 39.56 14.25 -24.04
C LYS B 21 39.24 14.55 -22.56
N VAL B 22 37.96 14.89 -22.27
CA VAL B 22 37.45 15.24 -20.93
C VAL B 22 37.33 14.04 -19.96
N TYR B 23 37.63 14.28 -18.67
CA TYR B 23 37.54 13.28 -17.61
C TYR B 23 36.66 13.75 -16.44
N HIS B 24 36.84 13.21 -15.21
CA HIS B 24 36.03 13.59 -14.04
C HIS B 24 36.29 15.03 -13.56
N GLN B 25 35.22 15.85 -13.60
CA GLN B 25 35.23 17.24 -13.16
C GLN B 25 34.05 17.46 -12.21
N GLN B 26 32.80 17.15 -12.68
CA GLN B 26 31.52 17.27 -11.95
C GLN B 26 30.53 16.17 -12.43
N TYR B 27 29.22 16.29 -12.03
CA TYR B 27 28.09 15.43 -12.41
C TYR B 27 26.74 15.94 -11.88
N GLN B 28 26.66 16.15 -10.55
CA GLN B 28 25.46 16.57 -9.79
C GLN B 28 24.50 17.59 -10.39
N ASP B 29 25.01 18.63 -11.06
CA ASP B 29 24.17 19.68 -11.65
C ASP B 29 23.38 19.25 -12.90
N LYS B 30 23.99 18.44 -13.79
CA LYS B 30 23.33 17.92 -15.00
C LYS B 30 22.42 16.72 -14.64
N SER B 31 22.70 16.04 -13.49
CA SER B 31 21.94 14.90 -12.96
C SER B 31 20.50 15.32 -12.66
N ARG B 32 20.34 16.46 -11.97
CA ARG B 32 19.04 17.01 -11.58
C ARG B 32 18.25 17.66 -12.72
N GLU B 33 18.78 17.64 -13.97
CA GLU B 33 18.08 18.17 -15.15
C GLU B 33 16.95 17.23 -15.57
N TYR B 34 17.04 15.94 -15.16
CA TYR B 34 16.04 14.90 -15.41
C TYR B 34 14.79 15.20 -14.66
N ASP B 35 14.90 15.64 -13.39
CA ASP B 35 13.72 16.00 -12.60
C ASP B 35 13.11 17.32 -13.06
N GLN B 36 13.92 18.22 -13.63
CA GLN B 36 13.48 19.51 -14.19
C GLN B 36 12.54 19.25 -15.40
N LEU B 37 12.60 18.01 -15.94
CA LEU B 37 11.82 17.49 -17.05
C LEU B 37 10.68 16.60 -16.51
N TYR B 38 11.02 15.66 -15.62
CA TYR B 38 10.10 14.70 -15.02
C TYR B 38 9.07 15.28 -14.06
N GLU B 39 9.39 16.36 -13.32
CA GLU B 39 8.44 16.96 -12.37
C GLU B 39 7.28 17.62 -13.09
N GLU B 40 7.55 18.23 -14.26
CA GLU B 40 6.51 18.86 -15.06
C GLU B 40 5.75 17.85 -15.95
N TYR B 41 6.44 16.77 -16.41
CA TYR B 41 5.84 15.73 -17.25
C TYR B 41 4.78 14.93 -16.51
N THR B 42 5.10 14.48 -15.29
CA THR B 42 4.20 13.72 -14.43
C THR B 42 2.91 14.52 -14.14
N ARG B 43 3.06 15.83 -13.92
CA ARG B 43 1.96 16.78 -13.72
C ARG B 43 1.16 16.91 -15.03
N THR B 44 1.86 17.00 -16.20
CA THR B 44 1.25 17.13 -17.53
C THR B 44 0.49 15.86 -17.97
N SER B 45 1.09 14.67 -17.82
CA SER B 45 0.45 13.39 -18.16
C SER B 45 -0.82 13.19 -17.33
N GLN B 46 -0.76 13.60 -16.02
CA GLN B 46 -1.85 13.55 -15.03
C GLN B 46 -3.00 14.46 -15.47
N GLU B 47 -2.65 15.66 -15.93
CA GLU B 47 -3.61 16.63 -16.43
C GLU B 47 -4.24 16.15 -17.73
N LEU B 48 -3.46 15.43 -18.59
CA LEU B 48 -3.95 14.87 -19.85
C LEU B 48 -4.98 13.77 -19.67
N GLN B 49 -4.82 12.89 -18.66
CA GLN B 49 -5.85 11.86 -18.40
C GLN B 49 -7.08 12.54 -17.80
N MET B 50 -6.85 13.60 -16.98
CA MET B 50 -7.86 14.45 -16.35
C MET B 50 -8.67 15.22 -17.42
N LYS B 51 -7.96 15.74 -18.45
CA LYS B 51 -8.57 16.46 -19.57
C LYS B 51 -9.30 15.52 -20.49
N ARG B 52 -8.85 14.25 -20.56
CA ARG B 52 -9.52 13.24 -21.38
C ARG B 52 -10.76 12.72 -20.67
N THR B 53 -10.76 12.73 -19.31
CA THR B 53 -11.88 12.32 -18.47
C THR B 53 -13.11 13.17 -18.82
N ALA B 54 -12.91 14.50 -18.84
CA ALA B 54 -13.94 15.48 -19.17
C ALA B 54 -14.49 15.29 -20.59
N ILE B 55 -13.63 15.05 -21.63
CA ILE B 55 -14.13 14.79 -22.98
C ILE B 55 -14.98 13.52 -23.02
N GLU B 56 -14.64 12.52 -22.22
CA GLU B 56 -15.46 11.33 -22.15
C GLU B 56 -16.79 11.70 -21.51
N ALA B 57 -16.77 12.46 -20.37
CA ALA B 57 -17.96 12.95 -19.67
C ALA B 57 -18.82 13.85 -20.55
N PHE B 58 -18.19 14.86 -21.21
CA PHE B 58 -18.77 15.80 -22.19
C PHE B 58 -19.44 15.00 -23.31
N ASN B 59 -18.69 14.06 -23.96
CA ASN B 59 -19.21 13.22 -25.04
C ASN B 59 -20.33 12.29 -24.55
N GLU B 60 -20.35 11.98 -23.25
CA GLU B 60 -21.41 11.17 -22.65
C GLU B 60 -22.65 12.03 -22.32
N THR B 61 -22.45 13.29 -21.86
CA THR B 61 -23.56 14.22 -21.59
C THR B 61 -24.37 14.44 -22.89
N ILE B 62 -23.68 14.70 -24.00
CA ILE B 62 -24.28 14.95 -25.31
C ILE B 62 -25.26 13.84 -25.66
N LYS B 63 -24.85 12.56 -25.46
CA LYS B 63 -25.62 11.33 -25.69
C LYS B 63 -27.04 11.40 -25.11
N ILE B 64 -27.20 11.99 -23.91
CA ILE B 64 -28.46 12.20 -23.19
C ILE B 64 -29.31 13.28 -23.90
N PHE B 65 -28.68 14.45 -24.25
CA PHE B 65 -29.31 15.56 -25.00
C PHE B 65 -29.76 15.10 -26.40
N GLU B 66 -28.93 14.24 -27.04
CA GLU B 66 -29.20 13.61 -28.33
C GLU B 66 -30.45 12.76 -28.27
N GLU B 67 -30.59 11.94 -27.19
CA GLU B 67 -31.75 11.08 -26.91
C GLU B 67 -33.01 11.94 -26.79
N GLN B 68 -32.87 13.14 -26.19
CA GLN B 68 -33.94 14.14 -26.03
C GLN B 68 -34.49 14.57 -27.38
N GLY B 69 -33.59 14.78 -28.35
CA GLY B 69 -33.95 15.16 -29.71
C GLY B 69 -34.87 14.15 -30.36
N GLN B 70 -34.56 12.85 -30.15
CA GLN B 70 -35.32 11.73 -30.65
C GLN B 70 -36.69 11.76 -29.97
N THR B 71 -36.72 11.72 -28.61
CA THR B 71 -37.96 11.76 -27.79
C THR B 71 -38.86 12.96 -28.04
N GLN B 72 -38.31 14.18 -28.08
CA GLN B 72 -39.11 15.37 -28.35
C GLN B 72 -39.77 15.25 -29.73
N GLU B 73 -39.06 14.70 -30.73
CA GLU B 73 -39.61 14.50 -32.09
C GLU B 73 -40.69 13.37 -32.12
N LYS B 74 -40.46 12.25 -31.40
CA LYS B 74 -41.43 11.14 -31.30
C LYS B 74 -42.63 11.57 -30.45
N CYS B 75 -42.41 12.10 -29.22
CA CYS B 75 -43.46 12.57 -28.29
C CYS B 75 -44.29 13.73 -28.86
N SER B 76 -43.70 14.54 -29.77
CA SER B 76 -44.39 15.65 -30.42
C SER B 76 -45.41 15.13 -31.42
N LYS B 77 -45.09 14.06 -32.20
CA LYS B 77 -46.01 13.46 -33.17
C LYS B 77 -47.34 13.03 -32.54
N GLU B 78 -47.42 12.99 -31.20
CA GLU B 78 -48.60 12.70 -30.41
C GLU B 78 -49.51 13.93 -30.35
N TYR B 79 -50.49 13.90 -31.24
CA TYR B 79 -51.57 14.86 -31.43
C TYR B 79 -52.87 14.02 -31.51
N LEU B 80 -53.09 13.23 -30.42
CA LEU B 80 -54.21 12.32 -30.18
C LEU B 80 -54.84 12.65 -28.82
N GLY B 87 -57.00 23.13 -30.67
CA GLY B 87 -55.90 23.15 -29.71
C GLY B 87 -54.53 22.88 -30.30
N ASN B 88 -54.47 21.99 -31.32
CA ASN B 88 -53.28 21.51 -32.08
C ASN B 88 -52.44 22.61 -32.79
N GLU B 89 -53.02 23.80 -32.98
CA GLU B 89 -52.41 24.94 -33.66
C GLU B 89 -51.46 25.78 -32.80
N LYS B 90 -51.83 26.05 -31.53
CA LYS B 90 -51.02 26.84 -30.58
C LYS B 90 -49.86 26.03 -30.01
N GLU B 91 -50.02 24.69 -30.01
CA GLU B 91 -49.04 23.74 -29.53
C GLU B 91 -48.06 23.35 -30.62
N MET B 92 -48.28 23.83 -31.84
CA MET B 92 -47.41 23.57 -32.99
C MET B 92 -46.14 24.41 -32.88
N GLN B 93 -46.27 25.65 -32.35
CA GLN B 93 -45.16 26.59 -32.21
C GLN B 93 -44.52 26.54 -30.83
N ARG B 94 -45.31 26.28 -29.77
CA ARG B 94 -44.81 26.15 -28.39
C ARG B 94 -43.78 24.98 -28.28
N ILE B 95 -44.08 23.86 -28.97
CA ILE B 95 -43.20 22.70 -29.06
C ILE B 95 -41.99 23.06 -29.91
N LEU B 96 -42.23 23.58 -31.13
CA LEU B 96 -41.20 24.03 -32.08
C LEU B 96 -40.16 24.93 -31.43
N LEU B 97 -40.61 25.90 -30.62
CA LEU B 97 -39.75 26.85 -29.91
C LEU B 97 -38.70 26.10 -29.03
N ASN B 98 -39.22 25.13 -28.23
CA ASN B 98 -38.57 24.27 -27.23
C ASN B 98 -37.66 23.25 -27.89
N SER B 99 -37.98 22.81 -29.11
CA SER B 99 -37.11 21.92 -29.87
C SER B 99 -35.90 22.74 -30.31
N GLU B 100 -36.16 24.00 -30.74
CA GLU B 100 -35.22 25.02 -31.23
C GLU B 100 -34.38 25.68 -30.07
N ARG B 101 -34.84 25.58 -28.82
CA ARG B 101 -34.04 26.04 -27.69
C ARG B 101 -33.13 24.86 -27.27
N LEU B 102 -33.70 23.61 -27.28
CA LEU B 102 -33.03 22.32 -27.02
C LEU B 102 -31.99 22.07 -28.11
N LYS B 103 -32.25 22.59 -29.30
CA LYS B 103 -31.32 22.56 -30.43
C LYS B 103 -30.12 23.50 -30.07
N SER B 104 -30.43 24.70 -29.51
CA SER B 104 -29.45 25.71 -29.15
C SER B 104 -28.62 25.39 -27.92
N ARG B 105 -29.06 24.40 -27.13
CA ARG B 105 -28.30 24.00 -25.95
C ARG B 105 -27.21 23.06 -26.35
N ILE B 106 -27.56 22.01 -27.15
CA ILE B 106 -26.61 21.02 -27.66
C ILE B 106 -25.52 21.68 -28.53
N ALA B 107 -25.83 22.92 -29.00
CA ALA B 107 -24.97 23.80 -29.79
C ALA B 107 -23.83 24.25 -28.90
N GLU B 108 -24.09 25.16 -27.94
CA GLU B 108 -23.06 25.66 -27.01
C GLU B 108 -22.28 24.57 -26.26
N ILE B 109 -22.91 23.38 -26.08
CA ILE B 109 -22.25 22.25 -25.41
C ILE B 109 -21.34 21.41 -26.36
N HIS B 110 -21.51 21.59 -27.70
CA HIS B 110 -20.64 20.98 -28.71
C HIS B 110 -19.40 21.87 -28.86
N GLU B 111 -19.60 23.18 -28.69
CA GLU B 111 -18.52 24.16 -28.74
C GLU B 111 -17.71 24.00 -27.44
N SER B 112 -18.40 23.95 -26.27
CA SER B 112 -17.75 23.80 -24.97
C SER B 112 -16.87 22.56 -24.92
N ARG B 113 -17.34 21.42 -25.52
CA ARG B 113 -16.58 20.17 -25.63
C ARG B 113 -15.37 20.35 -26.55
N THR B 114 -15.56 20.98 -27.76
CA THR B 114 -14.50 21.23 -28.74
C THR B 114 -13.32 22.07 -28.22
N LYS B 115 -13.60 23.15 -27.44
CA LYS B 115 -12.56 24.01 -26.84
C LYS B 115 -11.67 23.21 -25.86
N LEU B 116 -12.27 22.27 -25.08
CA LEU B 116 -11.53 21.39 -24.19
C LEU B 116 -10.74 20.38 -25.04
N GLU B 117 -11.34 19.87 -26.14
CA GLU B 117 -10.70 18.92 -27.05
C GLU B 117 -9.48 19.55 -27.75
N GLN B 118 -9.52 20.89 -27.94
CA GLN B 118 -8.44 21.71 -28.50
C GLN B 118 -7.30 21.85 -27.47
N ASP B 119 -7.65 22.01 -26.18
CA ASP B 119 -6.69 22.13 -25.07
C ASP B 119 -6.00 20.81 -24.70
N LEU B 120 -6.61 19.67 -25.08
CA LEU B 120 -6.04 18.34 -24.86
C LEU B 120 -4.91 18.22 -25.90
N ARG B 121 -5.23 18.54 -27.19
CA ARG B 121 -4.31 18.52 -28.33
C ARG B 121 -3.06 19.35 -28.06
N ALA B 122 -3.21 20.48 -27.32
CA ALA B 122 -2.13 21.40 -26.93
C ALA B 122 -1.22 20.77 -25.87
N GLN B 123 -1.78 20.41 -24.70
CA GLN B 123 -1.06 19.79 -23.57
C GLN B 123 -0.38 18.50 -24.01
N ALA B 124 -1.05 17.68 -24.84
CA ALA B 124 -0.52 16.43 -25.41
C ALA B 124 0.66 16.65 -26.36
N SER B 125 0.63 17.74 -27.15
CA SER B 125 1.69 18.14 -28.09
C SER B 125 2.94 18.55 -27.32
N ASP B 126 2.73 19.26 -26.20
CA ASP B 126 3.78 19.74 -25.31
C ASP B 126 4.50 18.59 -24.64
N ASN B 127 3.77 17.51 -24.30
CA ASN B 127 4.34 16.33 -23.67
C ASN B 127 5.19 15.54 -24.66
N ARG B 128 4.87 15.61 -25.96
CA ARG B 128 5.66 14.95 -27.01
C ARG B 128 7.00 15.66 -27.24
N GLU B 129 7.04 17.01 -27.05
CA GLU B 129 8.24 17.85 -27.17
C GLU B 129 9.09 17.74 -25.89
N ILE B 130 8.58 17.00 -24.88
CA ILE B 130 9.24 16.70 -23.61
C ILE B 130 9.93 15.32 -23.64
N ASP B 131 9.34 14.34 -24.40
CA ASP B 131 9.93 13.00 -24.62
C ASP B 131 11.10 13.17 -25.60
N LYS B 132 11.08 14.30 -26.33
CA LYS B 132 12.09 14.80 -27.26
C LYS B 132 13.30 15.35 -26.44
N ARG B 133 13.07 15.72 -25.14
CA ARG B 133 14.05 16.23 -24.19
C ARG B 133 14.46 15.18 -23.14
N MET B 134 13.50 14.39 -22.64
CA MET B 134 13.65 13.36 -21.62
C MET B 134 14.48 12.16 -22.10
N ASN B 135 14.08 11.53 -23.21
CA ASN B 135 14.74 10.36 -23.79
C ASN B 135 16.08 10.67 -24.47
N SER B 136 16.38 11.97 -24.69
CA SER B 136 17.62 12.44 -25.29
C SER B 136 18.74 12.57 -24.23
N LEU B 137 18.37 12.78 -22.94
CA LEU B 137 19.32 12.92 -21.84
C LEU B 137 19.47 11.62 -21.00
N LYS B 138 18.62 10.61 -21.25
CA LYS B 138 18.68 9.32 -20.55
C LYS B 138 19.97 8.51 -20.89
N PRO B 139 20.44 8.42 -22.18
CA PRO B 139 21.67 7.64 -22.47
C PRO B 139 22.98 8.27 -22.01
N ASP B 140 22.94 9.52 -21.49
CA ASP B 140 24.09 10.27 -20.96
C ASP B 140 24.70 9.50 -19.77
N LEU B 141 23.84 8.82 -18.98
CA LEU B 141 24.22 7.99 -17.83
C LEU B 141 24.65 6.58 -18.30
N MET B 142 24.04 6.08 -19.41
CA MET B 142 24.36 4.78 -20.04
C MET B 142 25.81 4.81 -20.60
N GLN B 143 26.20 5.94 -21.23
CA GLN B 143 27.53 6.19 -21.79
C GLN B 143 28.53 6.38 -20.65
N LEU B 144 28.09 7.07 -19.56
CA LEU B 144 28.87 7.33 -18.35
C LEU B 144 29.35 6.05 -17.66
N ARG B 145 28.57 4.94 -17.74
CA ARG B 145 28.83 3.62 -17.15
C ARG B 145 30.29 3.14 -17.30
N LYS B 146 30.86 3.21 -18.53
CA LYS B 146 32.25 2.79 -18.83
C LYS B 146 33.31 3.61 -18.08
N ILE B 147 33.04 4.91 -17.84
CA ILE B 147 33.92 5.83 -17.12
C ILE B 147 33.62 5.81 -15.62
N ARG B 148 32.32 5.96 -15.25
CA ARG B 148 31.78 6.00 -13.89
C ARG B 148 32.09 4.76 -13.03
N ASP B 149 31.69 3.54 -13.45
CA ASP B 149 31.96 2.33 -12.65
C ASP B 149 33.44 1.89 -12.60
N GLN B 150 34.27 2.36 -13.55
CA GLN B 150 35.71 2.06 -13.58
C GLN B 150 36.54 2.95 -12.61
N TYR B 151 35.96 4.10 -12.14
CA TYR B 151 36.62 5.00 -11.18
C TYR B 151 36.91 4.28 -9.86
N LEU B 152 38.11 3.68 -9.79
CA LEU B 152 38.59 2.83 -8.69
C LEU B 152 40.01 3.18 -8.23
N VAL B 153 40.23 3.07 -6.91
CA VAL B 153 41.49 3.22 -6.16
C VAL B 153 41.44 2.11 -5.08
N TRP B 154 40.24 1.94 -4.46
CA TRP B 154 39.89 0.93 -3.44
C TRP B 154 38.66 0.16 -3.94
N LEU B 155 38.77 -1.18 -4.06
CA LEU B 155 37.73 -2.11 -4.53
C LEU B 155 36.35 -1.84 -3.91
N LEU B 188 44.04 14.98 19.18
CA LEU B 188 45.04 13.90 19.20
C LEU B 188 46.21 14.03 20.27
N PRO B 189 46.31 15.08 21.14
CA PRO B 189 47.40 15.12 22.13
C PRO B 189 47.16 14.21 23.34
N HIS B 190 45.99 13.56 23.37
CA HIS B 190 45.54 12.65 24.43
C HIS B 190 46.10 11.24 24.17
N HIS B 191 46.63 10.99 22.94
CA HIS B 191 47.24 9.73 22.48
C HIS B 191 48.33 9.19 23.43
N GLU B 192 48.95 10.11 24.20
CA GLU B 192 49.97 9.85 25.21
C GLU B 192 49.27 9.63 26.55
N GLU B 193 49.57 8.51 27.18
CA GLU B 193 48.99 8.06 28.44
C GLU B 193 49.17 9.06 29.60
N ARG B 194 50.41 9.43 29.92
CA ARG B 194 50.77 10.35 31.02
C ARG B 194 50.17 11.77 30.91
N THR B 195 49.80 12.22 29.68
CA THR B 195 49.24 13.56 29.47
C THR B 195 47.95 13.88 30.27
N TRP B 196 47.21 12.84 30.67
CA TRP B 196 45.97 12.98 31.46
C TRP B 196 46.02 12.08 32.69
N TYR B 197 46.85 11.02 32.66
CA TYR B 197 46.92 10.12 33.80
C TYR B 197 47.84 10.65 34.88
N VAL B 198 47.39 10.58 36.14
CA VAL B 198 48.14 11.06 37.30
C VAL B 198 48.30 10.03 38.44
N GLY B 199 48.30 8.74 38.08
CA GLY B 199 48.47 7.62 38.99
C GLY B 199 47.67 7.70 40.27
N LYS B 200 48.28 7.27 41.39
CA LYS B 200 47.66 7.30 42.71
C LYS B 200 47.68 8.74 43.24
N ILE B 201 46.49 9.32 43.42
CA ILE B 201 46.26 10.70 43.88
C ILE B 201 45.00 10.73 44.78
N ASN B 202 44.73 11.90 45.41
CA ASN B 202 43.56 12.24 46.22
C ASN B 202 42.98 13.55 45.69
N ARG B 203 41.64 13.70 45.72
CA ARG B 203 40.92 14.89 45.25
C ARG B 203 41.62 16.18 45.65
N THR B 204 42.10 16.23 46.91
CA THR B 204 42.83 17.33 47.53
C THR B 204 44.02 17.76 46.65
N GLN B 205 44.82 16.75 46.23
CA GLN B 205 46.01 16.84 45.39
C GLN B 205 45.62 17.02 43.90
N ALA B 206 44.39 16.60 43.54
CA ALA B 206 43.83 16.75 42.18
C ALA B 206 43.34 18.19 41.98
N GLU B 207 42.52 18.72 42.93
CA GLU B 207 41.99 20.08 42.94
C GLU B 207 43.15 21.07 42.83
N GLU B 208 44.26 20.75 43.53
CA GLU B 208 45.51 21.48 43.60
C GLU B 208 46.05 21.84 42.19
N MET B 209 46.35 20.82 41.35
CA MET B 209 46.91 20.98 40.01
C MET B 209 45.96 21.74 39.09
N LEU B 210 44.73 21.23 38.99
CA LEU B 210 43.66 21.72 38.13
C LEU B 210 43.23 23.18 38.37
N SER B 211 43.32 23.66 39.63
CA SER B 211 43.00 25.06 39.96
C SER B 211 44.03 25.97 39.29
N GLY B 212 43.53 26.89 38.47
CA GLY B 212 44.36 27.82 37.71
C GLY B 212 44.40 27.48 36.24
N LYS B 213 44.21 26.20 35.92
CA LYS B 213 44.20 25.70 34.55
C LYS B 213 42.88 26.07 33.85
N ARG B 214 42.87 26.00 32.50
CA ARG B 214 41.72 26.30 31.64
C ARG B 214 40.45 25.53 32.04
N ASP B 215 39.27 26.07 31.67
CA ASP B 215 37.96 25.50 31.99
C ASP B 215 37.51 24.37 31.03
N GLY B 216 38.31 23.31 31.01
CA GLY B 216 38.10 22.12 30.17
C GLY B 216 39.33 21.24 30.07
N THR B 217 40.05 21.08 31.19
CA THR B 217 41.26 20.28 31.26
C THR B 217 41.03 18.91 31.95
N PHE B 218 41.77 17.89 31.51
CA PHE B 218 41.66 16.53 32.03
C PHE B 218 42.95 16.07 32.71
N LEU B 219 42.83 15.68 34.00
CA LEU B 219 43.90 15.14 34.83
C LEU B 219 43.24 14.07 35.72
N ILE B 220 43.16 12.82 35.21
CA ILE B 220 42.47 11.69 35.85
C ILE B 220 43.27 10.87 36.86
N ARG B 221 42.77 10.86 38.11
CA ARG B 221 43.36 10.19 39.27
C ARG B 221 43.06 8.67 39.35
N GLU B 222 42.87 8.20 40.58
CA GLU B 222 42.53 6.85 40.98
C GLU B 222 41.65 7.04 42.18
N SER B 223 40.54 6.32 42.22
CA SER B 223 39.55 6.46 43.27
C SER B 223 39.93 5.87 44.61
N SER B 224 39.30 6.44 45.66
CA SER B 224 39.30 6.06 47.06
C SER B 224 38.76 4.61 47.15
N GLN B 225 37.74 4.31 46.32
CA GLN B 225 37.09 3.00 46.19
C GLN B 225 38.07 1.99 45.63
N ARG B 226 38.09 0.80 46.28
CA ARG B 226 38.93 -0.37 45.99
C ARG B 226 38.93 -0.74 44.51
N GLY B 227 40.12 -0.64 43.90
CA GLY B 227 40.38 -0.97 42.51
C GLY B 227 39.48 -0.28 41.51
N CYS B 228 39.28 1.03 41.69
CA CYS B 228 38.44 1.83 40.79
C CYS B 228 39.30 2.91 40.19
N TYR B 229 38.69 4.02 39.73
CA TYR B 229 39.37 5.18 39.17
C TYR B 229 38.48 6.37 39.36
N ALA B 230 39.04 7.56 39.14
CA ALA B 230 38.27 8.79 39.21
C ALA B 230 38.72 9.77 38.14
N CYS B 231 37.86 10.74 37.86
CA CYS B 231 38.09 11.73 36.83
C CYS B 231 37.86 13.14 37.36
N SER B 232 38.97 13.82 37.66
CA SER B 232 39.02 15.18 38.16
C SER B 232 39.11 16.14 36.94
N VAL B 233 38.05 16.96 36.76
CA VAL B 233 37.89 17.86 35.60
C VAL B 233 37.51 19.32 35.98
N VAL B 234 38.18 20.31 35.33
CA VAL B 234 37.87 21.74 35.49
C VAL B 234 36.71 22.07 34.55
N VAL B 235 35.50 22.23 35.11
CA VAL B 235 34.31 22.59 34.33
C VAL B 235 34.43 24.11 34.05
N ASP B 236 33.52 24.68 33.22
CA ASP B 236 33.51 26.12 32.89
C ASP B 236 33.79 27.02 34.12
N GLY B 237 33.33 26.58 35.29
CA GLY B 237 33.54 27.24 36.58
C GLY B 237 34.74 26.73 37.34
N ASP B 238 34.60 25.56 37.98
CA ASP B 238 35.68 24.94 38.77
C ASP B 238 35.78 23.40 38.60
N THR B 239 36.80 22.79 39.25
CA THR B 239 37.06 21.35 39.21
C THR B 239 35.98 20.47 39.88
N LYS B 240 35.53 19.44 39.14
CA LYS B 240 34.55 18.44 39.57
C LYS B 240 35.11 17.02 39.35
N HIS B 241 34.86 16.11 40.31
CA HIS B 241 35.40 14.74 40.28
C HIS B 241 34.36 13.61 40.32
N CYS B 242 34.36 12.81 39.22
CA CYS B 242 33.48 11.67 38.98
C CYS B 242 34.29 10.39 38.96
N VAL B 243 33.64 9.26 39.29
CA VAL B 243 34.22 7.93 39.34
C VAL B 243 34.14 7.27 37.98
N ILE B 244 35.27 6.81 37.45
CA ILE B 244 35.29 6.04 36.21
C ILE B 244 35.43 4.60 36.65
N TYR B 245 34.78 3.64 35.96
CA TYR B 245 34.76 2.27 36.46
C TYR B 245 35.42 1.24 35.59
N ARG B 246 35.89 0.15 36.23
CA ARG B 246 36.39 -1.06 35.57
C ARG B 246 35.24 -2.07 35.53
N THR B 247 35.12 -2.84 34.43
CA THR B 247 34.10 -3.89 34.21
C THR B 247 34.63 -4.76 33.10
N ALA B 248 34.21 -6.03 33.05
CA ALA B 248 34.66 -6.91 31.96
C ALA B 248 34.36 -6.28 30.56
N THR B 249 33.21 -5.54 30.44
CA THR B 249 32.73 -4.84 29.25
C THR B 249 33.70 -3.71 28.81
N GLY B 250 34.44 -3.19 29.77
CA GLY B 250 35.39 -2.10 29.61
C GLY B 250 35.35 -1.09 30.74
N PHE B 251 35.53 0.18 30.38
CA PHE B 251 35.56 1.30 31.31
C PHE B 251 34.49 2.34 30.95
N GLY B 252 34.01 3.07 31.96
CA GLY B 252 32.97 4.08 31.76
C GLY B 252 32.30 4.48 33.04
N PHE B 253 31.75 5.71 33.04
CA PHE B 253 31.09 6.37 34.18
C PHE B 253 29.80 5.73 34.69
N ALA B 254 29.01 5.03 33.83
CA ALA B 254 27.74 4.42 34.22
C ALA B 254 27.43 3.15 33.44
N GLU B 255 26.96 2.12 34.16
CA GLU B 255 26.67 0.74 33.72
C GLU B 255 26.26 0.41 32.25
N PRO B 256 25.17 0.96 31.66
CA PRO B 256 24.88 0.57 30.27
C PRO B 256 25.85 1.21 29.28
N TYR B 257 26.58 2.25 29.74
CA TYR B 257 27.50 3.10 28.96
C TYR B 257 28.94 2.93 29.41
N ASN B 258 29.42 1.66 29.57
CA ASN B 258 30.83 1.41 29.93
C ASN B 258 31.55 0.36 29.10
N LEU B 259 31.46 0.52 27.79
CA LEU B 259 32.06 -0.37 26.80
C LEU B 259 33.30 0.26 26.18
N TYR B 260 34.33 0.45 27.01
CA TYR B 260 35.59 1.05 26.61
C TYR B 260 36.74 0.17 27.08
N GLY B 261 37.38 -0.52 26.14
CA GLY B 261 38.49 -1.46 26.36
C GLY B 261 39.67 -0.96 27.17
N SER B 262 40.00 0.34 27.03
CA SER B 262 41.10 1.01 27.73
C SER B 262 40.66 2.36 28.25
N LEU B 263 41.26 2.78 29.38
CA LEU B 263 41.01 4.07 30.01
C LEU B 263 41.42 5.23 29.07
N LYS B 264 42.21 4.92 28.00
CA LYS B 264 42.69 5.88 26.99
C LYS B 264 41.73 6.05 25.84
N GLU B 265 41.19 4.93 25.30
CA GLU B 265 40.22 4.97 24.19
C GLU B 265 38.91 5.65 24.64
N LEU B 266 38.67 5.65 25.99
CA LEU B 266 37.58 6.28 26.71
C LEU B 266 37.77 7.79 26.57
N VAL B 267 38.91 8.29 27.08
CA VAL B 267 39.37 9.67 27.04
C VAL B 267 39.17 10.19 25.60
N LEU B 268 39.72 9.46 24.61
CA LEU B 268 39.67 9.71 23.17
C LEU B 268 38.22 9.79 22.62
N HIS B 269 37.24 9.11 23.29
CA HIS B 269 35.83 9.06 22.92
C HIS B 269 34.95 9.95 23.80
N TYR B 270 35.60 10.78 24.66
CA TYR B 270 34.97 11.75 25.54
C TYR B 270 35.50 13.18 25.32
N GLN B 271 36.45 13.33 24.37
CA GLN B 271 36.98 14.63 23.93
C GLN B 271 36.00 15.18 22.86
N HIS B 272 35.32 14.25 22.18
CA HIS B 272 34.31 14.49 21.16
C HIS B 272 32.98 14.66 21.88
N ALA B 273 32.60 13.68 22.72
CA ALA B 273 31.33 13.61 23.45
C ALA B 273 31.34 14.30 24.81
N SER B 274 30.18 14.85 25.22
CA SER B 274 30.02 15.54 26.51
C SER B 274 29.83 14.59 27.70
N LEU B 275 30.08 15.12 28.90
CA LEU B 275 29.96 14.41 30.17
C LEU B 275 28.53 14.53 30.70
N VAL B 276 27.77 15.52 30.19
CA VAL B 276 26.40 15.85 30.58
C VAL B 276 25.44 14.68 30.80
N GLN B 277 25.59 13.59 30.01
CA GLN B 277 24.74 12.40 30.13
C GLN B 277 24.79 11.75 31.49
N HIS B 278 26.01 11.55 32.01
CA HIS B 278 26.23 10.91 33.29
C HIS B 278 25.84 11.82 34.45
N ASN B 279 26.09 13.14 34.30
CA ASN B 279 25.67 14.15 35.27
C ASN B 279 25.52 15.49 34.61
N ASP B 280 24.34 16.11 34.84
CA ASP B 280 23.91 17.43 34.34
C ASP B 280 24.91 18.48 34.78
N ALA B 281 25.44 18.31 36.02
CA ALA B 281 26.44 19.16 36.63
C ALA B 281 27.72 19.21 35.78
N LEU B 282 28.23 18.03 35.34
CA LEU B 282 29.45 17.91 34.53
C LEU B 282 29.22 18.33 33.08
N THR B 283 29.50 19.61 32.79
CA THR B 283 29.31 20.21 31.47
C THR B 283 30.44 19.82 30.48
N VAL B 284 31.43 20.71 30.27
CA VAL B 284 32.55 20.59 29.31
C VAL B 284 33.26 19.20 29.20
N THR B 285 33.69 18.85 27.95
CA THR B 285 34.38 17.62 27.54
C THR B 285 35.88 17.66 27.95
N LEU B 286 36.82 17.34 27.02
CA LEU B 286 38.27 17.40 27.23
C LEU B 286 39.08 17.90 26.02
N ALA B 287 39.36 19.21 26.01
CA ALA B 287 40.13 19.84 24.93
C ALA B 287 41.63 19.82 25.24
N HIS B 288 42.00 19.97 26.53
CA HIS B 288 43.41 20.00 26.95
C HIS B 288 43.74 19.02 28.08
N PRO B 289 44.74 18.14 27.91
CA PRO B 289 45.11 17.21 29.00
C PRO B 289 46.16 17.83 29.95
N VAL B 290 47.45 17.86 29.50
CA VAL B 290 48.66 18.42 30.15
C VAL B 290 49.82 18.39 29.11
N ARG B 291 50.64 19.47 29.07
CA ARG B 291 51.78 19.74 28.16
C ARG B 291 51.34 20.61 26.95
N ALA B 292 50.83 21.84 27.25
CA ALA B 292 50.34 22.84 26.29
C ALA B 292 51.46 23.57 25.51
N PRO B 293 51.26 23.91 24.20
CA PRO B 293 52.33 24.59 23.43
C PRO B 293 52.72 25.99 23.89
N GLY B 294 53.96 26.37 23.59
CA GLY B 294 54.53 27.66 23.97
C GLY B 294 55.36 27.59 25.23
O3 GD9 C . -1.97 6.96 15.97
C4 GD9 C . -0.08 10.20 14.02
C5 GD9 C . 0.99 13.58 15.74
C6 GD9 C . 1.37 13.55 14.49
N1 GD9 C . 1.26 12.12 12.48
C7 GD9 C . 1.28 14.76 16.60
C8 GD9 C . 1.33 10.66 10.64
N2 GD9 C . 0.39 10.01 12.78
C9 GD9 C . 0.12 16.80 17.30
C10 GD9 C . 0.16 18.30 16.91
C11 GD9 C . 0.12 17.88 14.44
C12 GD9 C . 0.65 16.44 14.77
N3 GD9 C . -0.84 9.20 14.63
C13 GD9 C . -2.83 18.55 17.37
C14 GD9 C . -0.79 7.89 13.89
C15 GD9 C . -1.20 6.66 14.76
N4 GD9 C . 0.36 15.85 16.17
O2 GD9 C . -2.60 19.42 14.84
S2 GD9 C . -2.20 18.33 15.67
O1 GD9 C . -2.44 16.96 15.36
N5 GD9 C . -0.57 18.47 15.62
S1 GD9 C . 0.09 12.10 16.22
C2 GD9 C . 1.02 12.38 13.78
C1 GD9 C . 0.31 11.44 14.60
C3 GD9 C . 1.00 10.96 12.01
C18 GD9 C . 1.81 11.66 9.79
C19 GD9 C . 2.03 11.41 8.41
C20 GD9 C . 1.98 10.10 7.90
C21 GD9 C . 1.60 9.04 8.78
N6 GD9 C . 1.47 7.70 8.62
C22 GD9 C . 1.22 9.34 10.13
C23 GD9 C . 0.95 8.11 10.73
N7 GD9 C . 1.09 7.19 9.85
C16 GD9 C . -1.39 7.99 16.86
C17 GD9 C . -0.76 9.20 16.15
#